data_5S7I
#
_entry.id   5S7I
#
_cell.length_a   127.094
_cell.length_b   84.712
_cell.length_c   87.911
_cell.angle_alpha   90.000
_cell.angle_beta   130.950
_cell.angle_gamma   90.000
#
_symmetry.space_group_name_H-M   'C 1 2 1'
#
loop_
_entity.id
_entity.type
_entity.pdbx_description
1 polymer 'Activin receptor type-1'
2 non-polymer 4-methyl-3-[4-(1-methylpiperidin-4-yl)phenyl]-5-(3,4,5-trimethoxyphenyl)pyridine
3 non-polymer 1,2-ETHANEDIOL
4 non-polymer 'DIMETHYL SULFOXIDE'
5 non-polymer 1,1-bis(oxidanylidene)thietan-3-ol
6 non-polymer 'SULFATE ION'
7 water water
#
_entity_poly.entity_id   1
_entity_poly.type   'polypeptide(L)'
_entity_poly.pdbx_seq_one_letter_code
;SMQRTVARDITLLECVGKGRYGEVWRGSWQGENVAVKIFSSRDEKSWFRETELYNTVMLRHENILGFIASDMTSRHSSTQ
LWLITHYHEMGSLYDYLQLTTLDTVSCLRIVLSIASGLAHLHIEIFGTQGKPAIAHRDLKSKNILVKKNGQCCIADLGLA
VMHSQSTNQLDVGNNPRVGTKRYMAPEVLDETIQVDCFDSYKRVDIWAFGLVLWEVARRMVSNGIVEDYKPPFYDVVPND
PSFEDMRKVVCVDQQRPNIPNRWFSDPTLTSLAKLMKECWYQNPSARLTALRIKKTLTKID
;
_entity_poly.pdbx_strand_id   A,B
#
loop_
_chem_comp.id
_chem_comp.type
_chem_comp.name
_chem_comp.formula
DMS non-polymer 'DIMETHYL SULFOXIDE' 'C2 H6 O S'
EDO non-polymer 1,2-ETHANEDIOL 'C2 H6 O2'
HV2 non-polymer 1,1-bis(oxidanylidene)thietan-3-ol 'C3 H6 O3 S'
LU8 non-polymer 4-methyl-3-[4-(1-methylpiperidin-4-yl)phenyl]-5-(3,4,5-trimethoxyphenyl)pyridine 'C27 H32 N2 O3'
SO4 non-polymer 'SULFATE ION' 'O4 S -2'
#
# COMPACT_ATOMS: atom_id res chain seq x y z
N GLN A 3 37.35 6.83 -24.05
CA GLN A 3 36.48 7.41 -23.00
C GLN A 3 36.10 6.32 -21.99
N ARG A 4 35.54 5.18 -22.41
CA ARG A 4 35.23 4.10 -21.44
C ARG A 4 35.04 2.71 -22.08
N THR A 5 35.48 1.72 -21.33
CA THR A 5 35.36 0.28 -21.64
C THR A 5 33.99 -0.17 -21.16
N VAL A 6 33.23 -0.81 -22.04
CA VAL A 6 31.91 -1.40 -21.71
C VAL A 6 32.10 -2.92 -21.72
N ALA A 7 32.28 -3.49 -20.53
CA ALA A 7 32.51 -4.93 -20.32
C ALA A 7 31.17 -5.65 -20.50
N ARG A 8 31.06 -6.45 -21.55
CA ARG A 8 29.83 -7.18 -21.95
C ARG A 8 30.08 -8.69 -21.93
N ASP A 9 31.33 -9.13 -21.81
CA ASP A 9 31.60 -10.59 -21.76
C ASP A 9 30.89 -11.17 -20.53
N ILE A 10 30.14 -12.25 -20.73
CA ILE A 10 29.61 -13.10 -19.64
C ILE A 10 30.14 -14.50 -19.87
N THR A 11 30.86 -15.07 -18.91
CA THR A 11 31.28 -16.48 -18.96
C THR A 11 30.09 -17.36 -18.55
N LEU A 12 29.60 -18.20 -19.44
CA LEU A 12 28.54 -19.19 -19.14
C LEU A 12 29.22 -20.38 -18.47
N LEU A 13 28.84 -20.72 -17.24
CA LEU A 13 29.60 -21.71 -16.45
C LEU A 13 28.83 -23.02 -16.38
N GLU A 14 27.53 -23.02 -16.07
CA GLU A 14 26.78 -24.29 -15.97
C GLU A 14 25.33 -24.03 -16.31
N CYS A 15 24.73 -24.98 -17.00
CA CYS A 15 23.30 -24.96 -17.34
C CYS A 15 22.52 -25.41 -16.10
N VAL A 16 21.59 -24.57 -15.65
CA VAL A 16 20.80 -24.82 -14.41
C VAL A 16 19.34 -25.04 -14.75
N GLY A 17 18.95 -24.93 -16.03
CA GLY A 17 17.58 -25.19 -16.48
C GLY A 17 17.53 -25.34 -17.98
N LYS A 18 16.68 -26.26 -18.47
CA LYS A 18 16.47 -26.46 -19.92
C LYS A 18 15.01 -26.85 -20.10
N GLY A 19 14.40 -26.40 -21.18
CA GLY A 19 13.00 -26.71 -21.52
C GLY A 19 12.83 -26.56 -23.00
N ARG A 20 11.59 -26.71 -23.47
CA ARG A 20 11.24 -26.73 -24.90
C ARG A 20 11.80 -25.46 -25.55
N TYR A 21 11.77 -24.36 -24.80
CA TYR A 21 11.79 -22.97 -25.34
C TYR A 21 12.97 -22.16 -24.78
N GLY A 22 13.89 -22.82 -24.07
CA GLY A 22 15.27 -22.37 -23.95
C GLY A 22 16.00 -22.99 -22.78
N GLU A 23 17.01 -22.28 -22.31
CA GLU A 23 17.97 -22.74 -21.27
C GLU A 23 18.27 -21.58 -20.34
N VAL A 24 18.50 -21.86 -19.06
CA VAL A 24 19.12 -20.89 -18.14
C VAL A 24 20.49 -21.38 -17.71
N TRP A 25 21.44 -20.46 -17.72
CA TRP A 25 22.85 -20.67 -17.33
C TRP A 25 23.21 -19.81 -16.13
N ARG A 26 23.97 -20.37 -15.22
CA ARG A 26 24.74 -19.57 -14.27
C ARG A 26 25.89 -18.97 -15.08
N GLY A 27 26.07 -17.68 -15.00
CA GLY A 27 27.12 -16.94 -15.70
C GLY A 27 27.87 -16.08 -14.73
N SER A 28 29.01 -15.61 -15.21
CA SER A 28 29.88 -14.71 -14.43
C SER A 28 30.07 -13.43 -15.23
N TRP A 29 29.79 -12.31 -14.61
CA TRP A 29 30.13 -10.97 -15.14
C TRP A 29 30.94 -10.22 -14.10
N GLN A 30 32.17 -9.82 -14.42
CA GLN A 30 33.00 -9.01 -13.48
C GLN A 30 33.03 -9.68 -12.09
N GLY A 31 33.16 -11.00 -12.05
CA GLY A 31 33.37 -11.77 -10.82
C GLY A 31 32.10 -12.09 -10.08
N GLU A 32 30.94 -11.63 -10.59
CA GLU A 32 29.59 -11.72 -9.97
C GLU A 32 28.74 -12.76 -10.71
N ASN A 33 28.00 -13.60 -9.98
CA ASN A 33 27.04 -14.53 -10.61
C ASN A 33 25.88 -13.73 -11.24
N VAL A 34 25.53 -14.12 -12.43
CA VAL A 34 24.27 -13.67 -13.08
C VAL A 34 23.60 -14.90 -13.65
N ALA A 35 22.31 -14.82 -13.91
CA ALA A 35 21.55 -15.87 -14.59
C ALA A 35 21.29 -15.41 -16.02
N VAL A 36 21.53 -16.28 -16.98
CA VAL A 36 21.37 -15.95 -18.41
C VAL A 36 20.37 -16.90 -19.00
N LYS A 37 19.20 -16.41 -19.40
CA LYS A 37 18.18 -17.19 -20.12
C LYS A 37 18.39 -16.99 -21.62
N ILE A 38 18.64 -18.07 -22.31
CA ILE A 38 18.88 -18.06 -23.77
C ILE A 38 17.58 -18.60 -24.36
N PHE A 39 16.90 -17.82 -25.18
CA PHE A 39 15.57 -18.19 -25.73
C PHE A 39 15.73 -19.04 -26.99
N SER A 40 14.88 -20.03 -27.13
CA SER A 40 14.64 -20.62 -28.46
C SER A 40 13.97 -19.60 -29.39
N SER A 41 14.23 -19.62 -30.71
CA SER A 41 13.57 -18.67 -31.65
C SER A 41 12.05 -18.88 -31.60
N ARG A 42 11.61 -20.07 -31.25
CA ARG A 42 10.17 -20.43 -31.17
C ARG A 42 9.50 -19.74 -29.98
N ASP A 43 10.27 -19.25 -29.00
CA ASP A 43 9.67 -18.46 -27.90
C ASP A 43 10.27 -17.07 -27.86
N GLU A 44 10.61 -16.54 -29.03
CA GLU A 44 11.13 -15.16 -29.11
C GLU A 44 10.12 -14.19 -28.50
N LYS A 45 8.82 -14.41 -28.61
CA LYS A 45 7.84 -13.39 -28.16
C LYS A 45 7.96 -13.22 -26.63
N SER A 46 8.35 -14.24 -25.89
CA SER A 46 8.53 -14.10 -24.43
C SER A 46 9.69 -13.13 -24.17
N TRP A 47 10.77 -13.21 -24.92
CA TRP A 47 11.90 -12.23 -24.73
C TRP A 47 11.39 -10.83 -25.08
N PHE A 48 10.69 -10.70 -26.19
CA PHE A 48 10.15 -9.38 -26.61
C PHE A 48 9.21 -8.79 -25.57
N ARG A 49 8.31 -9.61 -25.03
CA ARG A 49 7.31 -9.10 -24.06
C ARG A 49 8.00 -8.65 -22.77
N GLU A 50 8.91 -9.44 -22.22
CA GLU A 50 9.58 -9.08 -20.98
C GLU A 50 10.45 -7.84 -21.23
N THR A 51 11.09 -7.76 -22.38
CA THR A 51 11.93 -6.60 -22.73
C THR A 51 11.02 -5.35 -22.86
N GLU A 52 9.89 -5.48 -23.57
CA GLU A 52 8.96 -4.33 -23.74
C GLU A 52 8.45 -3.85 -22.38
N LEU A 53 8.15 -4.79 -21.47
CA LEU A 53 7.67 -4.41 -20.12
C LEU A 53 8.77 -3.63 -19.39
N TYR A 54 9.99 -4.12 -19.39
CA TYR A 54 11.10 -3.48 -18.64
C TYR A 54 11.51 -2.16 -19.30
N ASN A 55 11.24 -2.01 -20.59
CA ASN A 55 11.46 -0.74 -21.31
C ASN A 55 10.39 0.25 -20.91
N THR A 56 9.24 -0.23 -20.46
CA THR A 56 8.10 0.59 -20.00
C THR A 56 8.30 0.99 -18.54
N VAL A 57 8.62 0.03 -17.70
CA VAL A 57 8.76 0.25 -16.23
C VAL A 57 9.91 -0.62 -15.75
N MET A 58 10.90 -0.01 -15.10
CA MET A 58 12.04 -0.76 -14.54
C MET A 58 11.64 -1.27 -13.15
N LEU A 59 10.98 -2.42 -13.13
CA LEU A 59 10.52 -2.99 -11.84
C LEU A 59 11.70 -3.23 -10.94
N ARG A 60 11.58 -2.81 -9.69
CA ARG A 60 12.60 -3.06 -8.66
C ARG A 60 11.90 -3.43 -7.37
N HIS A 61 11.92 -4.68 -6.99
CA HIS A 61 11.21 -5.16 -5.79
C HIS A 61 11.94 -6.39 -5.28
N GLU A 62 12.07 -6.54 -3.99
CA GLU A 62 12.84 -7.68 -3.41
C GLU A 62 12.19 -9.02 -3.78
N ASN A 63 10.90 -9.05 -4.14
CA ASN A 63 10.25 -10.33 -4.45
C ASN A 63 9.93 -10.48 -5.93
N ILE A 64 10.60 -9.70 -6.78
N ILE A 64 10.62 -9.73 -6.79
CA ILE A 64 10.60 -9.80 -8.26
CA ILE A 64 10.58 -9.91 -8.26
C ILE A 64 12.04 -10.13 -8.70
C ILE A 64 11.99 -10.10 -8.76
N LEU A 65 12.23 -11.16 -9.53
CA LEU A 65 13.57 -11.48 -10.00
C LEU A 65 14.22 -10.21 -10.60
N GLY A 66 15.43 -9.92 -10.16
CA GLY A 66 16.06 -8.64 -10.53
C GLY A 66 16.57 -8.60 -11.93
N PHE A 67 16.05 -7.66 -12.72
CA PHE A 67 16.51 -7.45 -14.11
C PHE A 67 17.92 -6.86 -14.14
N ILE A 68 18.73 -7.37 -15.07
CA ILE A 68 20.06 -6.77 -15.37
C ILE A 68 20.10 -6.32 -16.82
N ALA A 69 19.76 -7.17 -17.78
CA ALA A 69 19.89 -6.80 -19.19
C ALA A 69 19.03 -7.65 -20.11
N SER A 70 18.63 -7.09 -21.23
CA SER A 70 18.10 -7.80 -22.41
C SER A 70 19.09 -7.59 -23.56
N ASP A 71 19.59 -8.69 -24.13
CA ASP A 71 20.59 -8.61 -25.21
C ASP A 71 20.06 -9.33 -26.45
N MET A 72 20.13 -8.64 -27.57
CA MET A 72 19.94 -9.24 -28.91
C MET A 72 21.28 -9.16 -29.67
N THR A 73 21.79 -10.29 -30.15
CA THR A 73 23.05 -10.34 -30.92
C THR A 73 22.74 -10.94 -32.28
N SER A 74 23.20 -10.27 -33.33
CA SER A 74 23.12 -10.75 -34.73
C SER A 74 24.07 -11.94 -34.93
N ARG A 75 23.56 -13.03 -35.49
CA ARG A 75 24.38 -14.19 -35.92
C ARG A 75 24.22 -14.33 -37.42
N HIS A 76 25.02 -15.19 -38.08
CA HIS A 76 25.07 -15.19 -39.57
C HIS A 76 23.67 -15.42 -40.12
N SER A 77 22.89 -16.35 -39.55
CA SER A 77 21.58 -16.70 -40.13
C SER A 77 20.54 -16.83 -39.03
N SER A 78 20.76 -16.18 -37.89
CA SER A 78 19.81 -16.17 -36.75
C SER A 78 20.07 -14.94 -35.87
N THR A 79 19.12 -14.70 -34.98
CA THR A 79 19.21 -13.70 -33.90
C THR A 79 19.29 -14.45 -32.57
N GLN A 80 20.23 -14.09 -31.72
CA GLN A 80 20.41 -14.70 -30.36
C GLN A 80 19.79 -13.74 -29.32
N LEU A 81 18.91 -14.26 -28.46
CA LEU A 81 18.17 -13.45 -27.47
C LEU A 81 18.52 -13.95 -26.07
N TRP A 82 19.07 -13.08 -25.25
CA TRP A 82 19.43 -13.42 -23.85
C TRP A 82 18.69 -12.47 -22.91
N LEU A 83 18.20 -13.00 -21.78
CA LEU A 83 17.72 -12.17 -20.67
C LEU A 83 18.67 -12.44 -19.52
N ILE A 84 19.22 -11.39 -18.93
CA ILE A 84 20.21 -11.51 -17.84
C ILE A 84 19.59 -10.96 -16.55
N THR A 85 19.60 -11.75 -15.49
CA THR A 85 18.99 -11.38 -14.21
C THR A 85 19.93 -11.71 -13.08
N HIS A 86 19.56 -11.28 -11.88
N HIS A 86 19.56 -11.29 -11.87
N HIS A 86 19.58 -11.29 -11.89
CA HIS A 86 20.09 -11.79 -10.60
CA HIS A 86 20.14 -11.81 -10.60
CA HIS A 86 20.24 -11.80 -10.68
C HIS A 86 20.11 -13.33 -10.62
C HIS A 86 20.13 -13.33 -10.64
C HIS A 86 20.12 -13.32 -10.63
N TYR A 87 21.09 -13.94 -9.94
CA TYR A 87 21.23 -15.39 -9.82
C TYR A 87 20.90 -15.81 -8.39
N HIS A 88 19.97 -16.76 -8.25
CA HIS A 88 19.55 -17.29 -6.93
C HIS A 88 20.01 -18.74 -6.82
N GLU A 89 21.13 -18.93 -6.11
CA GLU A 89 21.79 -20.25 -6.15
C GLU A 89 20.91 -21.36 -5.54
N MET A 90 19.92 -21.03 -4.72
CA MET A 90 19.05 -22.08 -4.13
C MET A 90 18.06 -22.65 -5.13
N GLY A 91 17.91 -22.01 -6.29
CA GLY A 91 17.05 -22.50 -7.34
C GLY A 91 15.57 -22.25 -7.13
N SER A 92 14.73 -22.97 -7.84
CA SER A 92 13.29 -22.69 -7.86
C SER A 92 12.65 -23.27 -6.61
N LEU A 93 11.53 -22.68 -6.26
CA LEU A 93 10.67 -23.22 -5.16
C LEU A 93 10.25 -24.66 -5.46
N TYR A 94 9.93 -24.98 -6.70
CA TYR A 94 9.56 -26.34 -7.13
C TYR A 94 10.66 -27.32 -6.71
N ASP A 95 11.92 -27.06 -7.02
N ASP A 95 11.90 -26.94 -7.04
CA ASP A 95 12.95 -28.06 -6.62
CA ASP A 95 13.16 -27.70 -6.76
C ASP A 95 13.19 -27.96 -5.10
C ASP A 95 13.30 -27.87 -5.24
N TYR A 96 13.17 -26.75 -4.52
CA TYR A 96 13.46 -26.60 -3.08
C TYR A 96 12.50 -27.45 -2.27
N LEU A 97 11.22 -27.45 -2.63
CA LEU A 97 10.21 -28.18 -1.84
C LEU A 97 10.44 -29.67 -1.94
N GLN A 98 11.18 -30.15 -2.92
CA GLN A 98 11.45 -31.61 -2.95
C GLN A 98 12.63 -31.94 -2.01
N LEU A 99 13.46 -30.97 -1.63
CA LEU A 99 14.74 -31.19 -0.90
C LEU A 99 14.52 -30.92 0.60
N THR A 100 13.41 -30.29 0.99
CA THR A 100 13.28 -29.81 2.36
C THR A 100 11.83 -29.83 2.80
N THR A 101 11.68 -29.96 4.09
CA THR A 101 10.45 -29.61 4.81
C THR A 101 10.58 -28.25 5.45
N LEU A 102 9.48 -27.67 5.89
CA LEU A 102 9.41 -26.29 6.36
C LEU A 102 8.91 -26.26 7.79
N ASP A 103 9.38 -25.32 8.59
CA ASP A 103 8.67 -24.97 9.83
C ASP A 103 7.65 -23.85 9.61
N THR A 104 6.93 -23.44 10.61
CA THR A 104 5.88 -22.42 10.52
C THR A 104 6.45 -21.10 10.02
N VAL A 105 7.53 -20.64 10.61
CA VAL A 105 8.11 -19.33 10.23
C VAL A 105 8.54 -19.38 8.77
N SER A 106 9.22 -20.43 8.35
N SER A 106 9.19 -20.45 8.34
CA SER A 106 9.75 -20.50 6.96
CA SER A 106 9.76 -20.54 6.97
C SER A 106 8.56 -20.56 6.00
C SER A 106 8.64 -20.68 5.95
N CYS A 107 7.57 -21.40 6.28
CA CYS A 107 6.40 -21.51 5.38
C CYS A 107 5.78 -20.13 5.21
N LEU A 108 5.45 -19.44 6.29
CA LEU A 108 4.81 -18.13 6.21
C LEU A 108 5.73 -17.15 5.45
N ARG A 109 7.01 -17.20 5.73
CA ARG A 109 7.93 -16.23 5.07
C ARG A 109 7.91 -16.45 3.55
N ILE A 110 7.93 -17.70 3.10
CA ILE A 110 7.86 -18.02 1.67
C ILE A 110 6.55 -17.45 1.10
N VAL A 111 5.44 -17.81 1.68
CA VAL A 111 4.16 -17.45 1.01
C VAL A 111 3.88 -15.95 1.11
N LEU A 112 4.22 -15.30 2.22
CA LEU A 112 4.03 -13.83 2.30
C LEU A 112 4.97 -13.14 1.31
N SER A 113 6.17 -13.67 1.07
CA SER A 113 7.08 -12.98 0.09
C SER A 113 6.49 -13.12 -1.32
N ILE A 114 5.91 -14.28 -1.63
CA ILE A 114 5.29 -14.43 -2.97
C ILE A 114 4.13 -13.44 -3.08
N ALA A 115 3.25 -13.40 -2.08
CA ALA A 115 2.11 -12.46 -2.08
C ALA A 115 2.58 -11.01 -2.23
N SER A 116 3.70 -10.70 -1.62
N SER A 116 3.70 -10.67 -1.61
CA SER A 116 4.28 -9.33 -1.68
CA SER A 116 4.24 -9.28 -1.69
C SER A 116 4.71 -9.02 -3.12
C SER A 116 4.72 -9.00 -3.12
N GLY A 117 5.41 -9.95 -3.76
CA GLY A 117 5.82 -9.73 -5.16
C GLY A 117 4.58 -9.61 -6.03
N LEU A 118 3.59 -10.46 -5.79
CA LEU A 118 2.41 -10.47 -6.66
C LEU A 118 1.61 -9.19 -6.50
N ALA A 119 1.43 -8.73 -5.26
CA ALA A 119 0.72 -7.47 -5.02
C ALA A 119 1.49 -6.34 -5.68
N HIS A 120 2.81 -6.35 -5.64
CA HIS A 120 3.59 -5.30 -6.30
C HIS A 120 3.30 -5.32 -7.79
N LEU A 121 3.27 -6.48 -8.44
CA LEU A 121 2.91 -6.53 -9.86
C LEU A 121 1.52 -5.94 -10.07
N HIS A 122 0.55 -6.38 -9.31
CA HIS A 122 -0.86 -6.08 -9.55
C HIS A 122 -1.20 -4.59 -9.39
N ILE A 123 -0.44 -3.86 -8.58
N ILE A 123 -0.57 -3.87 -8.49
CA ILE A 123 -0.79 -2.48 -8.12
CA ILE A 123 -1.11 -2.53 -8.10
C ILE A 123 -0.38 -1.49 -9.21
C ILE A 123 -0.44 -1.43 -8.91
N GLU A 124 -1.27 -0.57 -9.52
CA GLU A 124 -0.87 0.60 -10.30
C GLU A 124 -0.38 1.67 -9.34
N ILE A 125 0.79 2.26 -9.61
CA ILE A 125 1.37 3.34 -8.76
C ILE A 125 1.42 4.56 -9.69
N PHE A 126 0.87 5.70 -9.27
CA PHE A 126 0.87 6.96 -10.06
C PHE A 126 2.17 7.75 -9.84
N GLY A 127 2.53 8.60 -10.81
CA GLY A 127 3.67 9.55 -10.74
C GLY A 127 5.01 8.85 -10.71
N GLY A 130 6.33 5.64 -10.69
CA GLY A 130 5.15 4.75 -10.62
C GLY A 130 5.27 3.55 -11.56
N LYS A 131 4.16 2.87 -11.77
CA LYS A 131 4.16 1.63 -12.59
C LYS A 131 2.75 1.35 -13.02
N PRO A 132 2.55 0.77 -14.21
CA PRO A 132 1.26 0.22 -14.57
C PRO A 132 0.98 -1.02 -13.72
N ALA A 133 -0.28 -1.35 -13.63
CA ALA A 133 -0.70 -2.65 -13.08
C ALA A 133 -0.22 -3.72 -14.05
N ILE A 134 0.20 -4.87 -13.50
CA ILE A 134 0.78 -6.00 -14.27
C ILE A 134 0.18 -7.27 -13.76
N ALA A 135 -0.29 -8.11 -14.66
CA ALA A 135 -0.66 -9.51 -14.33
C ALA A 135 0.37 -10.43 -14.93
N HIS A 136 0.73 -11.48 -14.23
CA HIS A 136 1.84 -12.40 -14.57
C HIS A 136 1.45 -13.42 -15.65
N ARG A 137 0.35 -14.11 -15.41
CA ARG A 137 -0.30 -15.06 -16.34
C ARG A 137 0.42 -16.41 -16.42
N ASP A 138 1.50 -16.64 -15.69
CA ASP A 138 2.07 -18.00 -15.64
C ASP A 138 2.70 -18.26 -14.28
N LEU A 139 1.97 -17.97 -13.21
CA LEU A 139 2.53 -18.16 -11.86
C LEU A 139 2.48 -19.64 -11.52
N LYS A 140 3.57 -20.15 -10.99
CA LYS A 140 3.70 -21.56 -10.62
C LYS A 140 4.99 -21.69 -9.83
N SER A 141 5.21 -22.83 -9.18
CA SER A 141 6.37 -22.99 -8.29
C SER A 141 7.70 -23.03 -9.07
N LYS A 142 7.70 -23.43 -10.35
CA LYS A 142 8.94 -23.37 -11.19
C LYS A 142 9.28 -21.93 -11.55
N ASN A 143 8.33 -20.99 -11.43
CA ASN A 143 8.56 -19.56 -11.79
C ASN A 143 8.77 -18.73 -10.54
N ILE A 144 9.14 -19.36 -9.45
CA ILE A 144 9.45 -18.67 -8.16
C ILE A 144 10.82 -19.16 -7.74
N LEU A 145 11.73 -18.26 -7.37
CA LEU A 145 13.07 -18.64 -6.91
CA LEU A 145 13.08 -18.61 -6.92
C LEU A 145 13.19 -18.38 -5.41
N VAL A 146 13.99 -19.20 -4.76
CA VAL A 146 14.25 -19.11 -3.31
C VAL A 146 15.52 -18.30 -3.10
N LYS A 147 15.45 -17.29 -2.25
CA LYS A 147 16.63 -16.47 -1.89
C LYS A 147 17.23 -17.02 -0.60
N LYS A 148 18.50 -16.66 -0.40
CA LYS A 148 19.23 -17.15 0.79
C LYS A 148 18.57 -16.66 2.08
N ASN A 149 17.92 -15.48 2.07
CA ASN A 149 17.26 -14.91 3.27
C ASN A 149 15.89 -15.53 3.57
N GLY A 150 15.49 -16.54 2.80
CA GLY A 150 14.26 -17.27 3.11
C GLY A 150 13.05 -16.72 2.43
N GLN A 151 13.14 -15.57 1.80
CA GLN A 151 12.07 -15.05 0.95
C GLN A 151 12.24 -15.61 -0.45
N CYS A 152 11.20 -15.44 -1.27
CA CYS A 152 11.22 -15.85 -2.68
C CYS A 152 11.09 -14.64 -3.58
N CYS A 153 11.33 -14.86 -4.85
CA CYS A 153 11.03 -13.84 -5.88
C CYS A 153 10.36 -14.49 -7.09
N ILE A 154 9.51 -13.72 -7.70
CA ILE A 154 8.72 -14.17 -8.89
C ILE A 154 9.55 -13.91 -10.15
N ALA A 155 9.58 -14.88 -11.03
CA ALA A 155 10.33 -14.84 -12.31
C ALA A 155 9.37 -15.03 -13.48
N ASP A 156 9.84 -14.64 -14.65
CA ASP A 156 9.30 -14.92 -16.00
C ASP A 156 8.11 -14.03 -16.28
N LEU A 157 8.34 -12.87 -16.87
CA LEU A 157 7.27 -11.94 -17.27
C LEU A 157 7.02 -12.02 -18.78
N GLY A 158 7.32 -13.18 -19.36
CA GLY A 158 7.16 -13.37 -20.81
C GLY A 158 5.74 -13.43 -21.28
N LEU A 159 4.79 -13.64 -20.38
N LEU A 159 4.77 -13.66 -20.38
CA LEU A 159 3.35 -13.65 -20.72
CA LEU A 159 3.31 -13.64 -20.69
C LEU A 159 2.62 -12.49 -20.03
C LEU A 159 2.61 -12.45 -20.05
N ALA A 160 3.36 -11.60 -19.35
CA ALA A 160 2.74 -10.56 -18.51
C ALA A 160 1.94 -9.59 -19.35
N VAL A 161 0.88 -9.07 -18.77
CA VAL A 161 0.07 -8.00 -19.38
C VAL A 161 0.07 -6.77 -18.48
N MET A 162 0.12 -5.61 -19.11
CA MET A 162 0.15 -4.28 -18.44
C MET A 162 -1.20 -3.59 -18.64
N HIS A 163 -1.65 -2.86 -17.65
CA HIS A 163 -2.82 -1.93 -17.69
C HIS A 163 -2.42 -0.53 -17.18
N ARG A 177 2.05 -18.09 -26.89
CA ARG A 177 2.24 -18.77 -25.58
C ARG A 177 0.96 -18.64 -24.76
N VAL A 178 0.59 -19.71 -24.05
CA VAL A 178 -0.49 -19.63 -23.03
C VAL A 178 0.10 -20.10 -21.71
N GLY A 179 -0.62 -19.88 -20.64
CA GLY A 179 -0.12 -20.31 -19.31
C GLY A 179 0.01 -21.83 -19.18
N THR A 180 0.69 -22.28 -18.15
CA THR A 180 0.83 -23.71 -17.83
C THR A 180 -0.54 -24.28 -17.52
N LYS A 181 -0.94 -25.34 -18.21
CA LYS A 181 -2.34 -25.81 -18.14
CA LYS A 181 -2.34 -25.81 -18.15
C LYS A 181 -2.71 -26.28 -16.73
N ARG A 182 -1.79 -26.94 -16.05
CA ARG A 182 -2.08 -27.47 -14.70
C ARG A 182 -2.54 -26.33 -13.76
N TYR A 183 -2.04 -25.11 -13.99
CA TYR A 183 -2.33 -23.97 -13.10
C TYR A 183 -3.41 -23.04 -13.68
N MET A 184 -4.05 -23.39 -14.80
CA MET A 184 -5.05 -22.51 -15.42
C MET A 184 -6.33 -22.47 -14.56
N ALA A 185 -6.86 -21.26 -14.38
CA ALA A 185 -8.13 -21.00 -13.71
C ALA A 185 -9.30 -21.53 -14.54
N PRO A 186 -10.44 -21.80 -13.91
CA PRO A 186 -11.57 -22.36 -14.63
C PRO A 186 -12.04 -21.50 -15.81
N GLU A 187 -12.03 -20.19 -15.66
CA GLU A 187 -12.50 -19.29 -16.75
C GLU A 187 -11.55 -19.31 -17.92
N VAL A 188 -10.30 -19.68 -17.75
CA VAL A 188 -9.37 -19.88 -18.88
C VAL A 188 -9.73 -21.18 -19.55
N LEU A 189 -9.91 -22.24 -18.79
CA LEU A 189 -10.19 -23.59 -19.35
C LEU A 189 -11.56 -23.61 -20.05
N ASP A 190 -12.57 -22.89 -19.58
CA ASP A 190 -13.93 -22.92 -20.19
C ASP A 190 -14.07 -21.72 -21.14
N GLU A 191 -13.01 -20.94 -21.34
CA GLU A 191 -12.95 -19.82 -22.32
C GLU A 191 -14.05 -18.79 -22.05
N THR A 192 -14.48 -18.59 -20.81
CA THR A 192 -15.43 -17.53 -20.43
C THR A 192 -14.66 -16.28 -19.99
N ILE A 193 -13.36 -16.38 -19.73
CA ILE A 193 -12.61 -15.20 -19.23
C ILE A 193 -12.92 -13.96 -20.08
N GLN A 194 -13.14 -12.84 -19.39
CA GLN A 194 -13.41 -11.52 -20.02
C GLN A 194 -12.05 -10.94 -20.41
N VAL A 195 -11.61 -11.20 -21.63
CA VAL A 195 -10.23 -10.91 -22.14
C VAL A 195 -9.99 -9.40 -22.29
N ASP A 196 -11.06 -8.58 -22.28
CA ASP A 196 -11.01 -7.08 -22.37
C ASP A 196 -10.96 -6.44 -20.99
N CYS A 197 -10.87 -7.23 -19.92
CA CYS A 197 -10.99 -6.70 -18.54
C CYS A 197 -9.68 -7.02 -17.81
N PHE A 198 -8.91 -6.01 -17.41
CA PHE A 198 -7.58 -6.29 -16.84
C PHE A 198 -7.76 -7.09 -15.54
N ASP A 199 -8.80 -6.82 -14.78
CA ASP A 199 -9.03 -7.49 -13.48
C ASP A 199 -9.13 -9.01 -13.70
N SER A 200 -9.61 -9.43 -14.86
CA SER A 200 -9.72 -10.88 -15.17
C SER A 200 -8.36 -11.53 -15.00
N TYR A 201 -7.31 -10.87 -15.42
CA TYR A 201 -5.97 -11.48 -15.44
C TYR A 201 -5.41 -11.51 -14.03
N LYS A 202 -5.67 -10.51 -13.21
CA LYS A 202 -5.27 -10.58 -11.78
C LYS A 202 -5.94 -11.79 -11.14
N ARG A 203 -7.22 -12.03 -11.44
CA ARG A 203 -7.97 -13.11 -10.79
C ARG A 203 -7.43 -14.49 -11.23
N VAL A 204 -6.92 -14.61 -12.43
CA VAL A 204 -6.23 -15.83 -12.90
C VAL A 204 -4.95 -16.02 -12.09
N ASP A 205 -4.22 -14.93 -11.80
CA ASP A 205 -2.99 -15.10 -11.00
C ASP A 205 -3.36 -15.57 -9.61
N ILE A 206 -4.45 -15.07 -9.03
CA ILE A 206 -4.82 -15.43 -7.64
C ILE A 206 -5.14 -16.92 -7.56
N TRP A 207 -5.84 -17.44 -8.55
CA TRP A 207 -6.10 -18.89 -8.63
C TRP A 207 -4.78 -19.64 -8.54
N ALA A 208 -3.83 -19.29 -9.40
CA ALA A 208 -2.52 -19.96 -9.47
C ALA A 208 -1.77 -19.78 -8.14
N PHE A 209 -1.84 -18.59 -7.53
CA PHE A 209 -1.24 -18.36 -6.20
C PHE A 209 -1.80 -19.37 -5.20
N GLY A 210 -3.11 -19.57 -5.21
CA GLY A 210 -3.70 -20.51 -4.25
C GLY A 210 -3.11 -21.91 -4.41
N LEU A 211 -2.89 -22.34 -5.65
CA LEU A 211 -2.27 -23.65 -5.92
C LEU A 211 -0.85 -23.70 -5.36
N VAL A 212 -0.10 -22.62 -5.54
CA VAL A 212 1.28 -22.54 -5.02
C VAL A 212 1.24 -22.60 -3.49
N LEU A 213 0.29 -21.90 -2.90
N LEU A 213 0.31 -21.87 -2.87
CA LEU A 213 0.15 -21.89 -1.44
CA LEU A 213 0.12 -21.92 -1.40
C LEU A 213 -0.09 -23.33 -0.94
C LEU A 213 -0.02 -23.39 -0.98
N TRP A 214 -0.93 -24.09 -1.64
CA TRP A 214 -1.18 -25.52 -1.34
C TRP A 214 0.10 -26.33 -1.46
N GLU A 215 0.88 -26.11 -2.52
CA GLU A 215 2.13 -26.88 -2.72
C GLU A 215 3.09 -26.69 -1.54
N VAL A 216 3.18 -25.48 -1.06
CA VAL A 216 4.15 -25.08 -0.01
C VAL A 216 3.62 -25.60 1.34
N ALA A 217 2.35 -25.41 1.61
CA ALA A 217 1.75 -25.77 2.92
C ALA A 217 1.91 -27.26 3.17
N ARG A 218 1.80 -28.10 2.15
CA ARG A 218 1.97 -29.56 2.29
C ARG A 218 3.33 -29.87 2.92
N ARG A 219 4.37 -29.06 2.67
CA ARG A 219 5.72 -29.35 3.14
C ARG A 219 5.98 -28.73 4.50
N MET A 220 5.03 -28.07 5.10
CA MET A 220 5.14 -27.53 6.48
C MET A 220 4.85 -28.67 7.47
N VAL A 221 5.79 -28.95 8.37
CA VAL A 221 5.60 -30.03 9.40
C VAL A 221 4.63 -29.54 10.47
N SER A 222 3.73 -30.42 10.92
CA SER A 222 2.96 -30.20 12.15
C SER A 222 2.77 -31.55 12.84
N ASN A 223 2.96 -31.57 14.16
N ASN A 223 3.06 -31.55 14.14
CA ASN A 223 2.77 -32.82 14.97
CA ASN A 223 2.80 -32.73 14.98
C ASN A 223 3.54 -33.97 14.33
C ASN A 223 3.52 -33.93 14.36
N GLY A 224 4.74 -33.74 13.81
CA GLY A 224 5.58 -34.80 13.24
C GLY A 224 5.14 -35.33 11.89
N ILE A 225 4.21 -34.64 11.25
CA ILE A 225 3.59 -35.11 9.98
C ILE A 225 3.92 -34.06 8.91
N VAL A 226 4.14 -34.57 7.72
CA VAL A 226 4.28 -33.72 6.50
C VAL A 226 3.78 -34.51 5.32
N GLU A 227 3.27 -33.83 4.29
CA GLU A 227 3.00 -34.50 3.01
C GLU A 227 4.21 -34.45 2.10
N ASP A 228 4.36 -35.47 1.29
CA ASP A 228 5.34 -35.48 0.20
C ASP A 228 5.05 -34.31 -0.77
N TYR A 229 6.07 -33.81 -1.42
CA TYR A 229 5.85 -32.81 -2.49
C TYR A 229 5.04 -33.48 -3.60
N LYS A 230 3.97 -32.82 -3.99
CA LYS A 230 3.19 -33.14 -5.22
C LYS A 230 2.79 -31.84 -5.89
N PRO A 231 2.65 -31.88 -7.24
CA PRO A 231 2.10 -30.75 -7.96
C PRO A 231 0.59 -30.70 -7.79
N PRO A 232 -0.03 -29.53 -8.01
CA PRO A 232 -1.49 -29.45 -7.96
C PRO A 232 -2.12 -30.47 -8.92
N PHE A 233 -3.15 -31.15 -8.44
CA PHE A 233 -3.99 -32.07 -9.26
C PHE A 233 -3.23 -33.34 -9.60
N TYR A 234 -2.15 -33.65 -8.89
CA TYR A 234 -1.32 -34.87 -9.15
C TYR A 234 -2.18 -36.14 -9.16
N ASP A 235 -3.25 -36.12 -8.40
CA ASP A 235 -4.09 -37.30 -8.16
C ASP A 235 -5.21 -37.44 -9.17
N VAL A 236 -5.41 -36.46 -10.05
CA VAL A 236 -6.60 -36.48 -10.94
C VAL A 236 -6.28 -36.23 -12.40
N VAL A 237 -5.07 -35.85 -12.77
CA VAL A 237 -4.66 -35.62 -14.18
C VAL A 237 -3.34 -36.28 -14.42
N PRO A 238 -3.04 -36.62 -15.68
CA PRO A 238 -1.72 -37.15 -16.00
C PRO A 238 -0.62 -36.09 -15.97
N ASN A 239 0.61 -36.54 -16.07
CA ASN A 239 1.71 -35.63 -16.45
C ASN A 239 1.35 -34.95 -17.77
N ASP A 240 1.74 -33.69 -17.96
CA ASP A 240 1.46 -32.90 -19.16
C ASP A 240 0.00 -33.05 -19.50
N PRO A 241 -0.86 -32.63 -18.56
CA PRO A 241 -2.30 -32.79 -18.73
C PRO A 241 -2.79 -31.96 -19.91
N SER A 242 -3.75 -32.49 -20.63
CA SER A 242 -4.33 -31.71 -21.74
C SER A 242 -5.24 -30.61 -21.23
N PHE A 243 -5.62 -29.71 -22.11
CA PHE A 243 -6.61 -28.70 -21.82
C PHE A 243 -7.90 -29.37 -21.39
N GLU A 244 -8.33 -30.43 -22.11
CA GLU A 244 -9.57 -31.15 -21.76
C GLU A 244 -9.46 -31.84 -20.42
N ASP A 245 -8.32 -32.48 -20.14
CA ASP A 245 -8.12 -33.11 -18.82
C ASP A 245 -8.38 -32.08 -17.73
N MET A 246 -7.76 -30.93 -17.85
CA MET A 246 -7.91 -29.89 -16.81
C MET A 246 -9.32 -29.31 -16.77
N ARG A 247 -9.95 -29.10 -17.94
CA ARG A 247 -11.32 -28.55 -17.97
C ARG A 247 -12.28 -29.49 -17.24
N LYS A 248 -12.12 -30.78 -17.46
CA LYS A 248 -13.06 -31.73 -16.83
CA LYS A 248 -13.06 -31.75 -16.83
C LYS A 248 -12.90 -31.68 -15.31
N VAL A 249 -11.67 -31.61 -14.82
CA VAL A 249 -11.42 -31.58 -13.36
C VAL A 249 -11.95 -30.28 -12.76
N VAL A 250 -11.47 -29.17 -13.31
CA VAL A 250 -11.64 -27.83 -12.68
C VAL A 250 -13.01 -27.24 -12.96
N CYS A 251 -13.49 -27.39 -14.19
CA CYS A 251 -14.75 -26.73 -14.64
C CYS A 251 -15.95 -27.65 -14.50
N VAL A 252 -15.85 -28.86 -15.00
CA VAL A 252 -17.05 -29.73 -15.09
C VAL A 252 -17.31 -30.32 -13.72
N ASP A 253 -16.31 -30.96 -13.15
CA ASP A 253 -16.48 -31.59 -11.82
C ASP A 253 -16.22 -30.62 -10.68
N GLN A 254 -15.55 -29.49 -10.91
CA GLN A 254 -15.30 -28.43 -9.90
C GLN A 254 -14.45 -29.01 -8.76
N GLN A 255 -13.52 -29.90 -9.07
CA GLN A 255 -12.57 -30.39 -8.04
C GLN A 255 -11.56 -29.29 -7.66
N ARG A 256 -11.11 -29.41 -6.43
CA ARG A 256 -10.06 -28.53 -5.86
C ARG A 256 -9.07 -29.42 -5.13
N PRO A 257 -7.83 -28.97 -4.95
CA PRO A 257 -6.86 -29.75 -4.20
C PRO A 257 -7.38 -30.13 -2.81
N ASN A 258 -7.08 -31.34 -2.38
N ASN A 258 -6.98 -31.34 -2.37
CA ASN A 258 -7.58 -31.81 -1.07
CA ASN A 258 -7.32 -31.95 -1.05
C ASN A 258 -6.71 -31.26 0.07
C ASN A 258 -6.68 -31.14 0.09
N ILE A 259 -7.42 -30.89 1.15
CA ILE A 259 -6.84 -30.39 2.42
C ILE A 259 -6.76 -31.57 3.36
N PRO A 260 -5.56 -32.05 3.73
CA PRO A 260 -5.44 -33.18 4.66
C PRO A 260 -6.01 -32.86 6.03
N ASN A 261 -6.52 -33.91 6.68
CA ASN A 261 -7.05 -33.78 8.04
C ASN A 261 -6.02 -33.18 8.99
N ARG A 262 -4.77 -33.59 8.88
CA ARG A 262 -3.77 -33.15 9.87
C ARG A 262 -3.60 -31.64 9.87
N TRP A 263 -3.96 -30.93 8.80
CA TRP A 263 -3.84 -29.46 8.83
C TRP A 263 -4.76 -28.86 9.89
N PHE A 264 -5.88 -29.51 10.21
CA PHE A 264 -6.91 -28.95 11.11
C PHE A 264 -6.49 -29.09 12.58
N SER A 265 -5.38 -29.76 12.87
CA SER A 265 -4.73 -29.77 14.22
C SER A 265 -3.76 -28.61 14.37
N ASP A 266 -3.43 -27.86 13.31
CA ASP A 266 -2.39 -26.82 13.34
C ASP A 266 -3.01 -25.48 13.01
N PRO A 267 -2.90 -24.42 13.86
CA PRO A 267 -3.61 -23.19 13.59
C PRO A 267 -3.10 -22.51 12.30
N THR A 268 -1.80 -22.61 11.99
CA THR A 268 -1.24 -21.98 10.77
C THR A 268 -1.86 -22.66 9.53
N LEU A 269 -1.83 -23.97 9.49
CA LEU A 269 -2.34 -24.69 8.29
C LEU A 269 -3.86 -24.58 8.21
N THR A 270 -4.56 -24.46 9.32
CA THR A 270 -6.02 -24.21 9.32
C THR A 270 -6.28 -22.86 8.62
N SER A 271 -5.53 -21.81 9.01
CA SER A 271 -5.66 -20.48 8.39
C SER A 271 -5.26 -20.52 6.91
N LEU A 272 -4.20 -21.23 6.57
CA LEU A 272 -3.75 -21.31 5.15
C LEU A 272 -4.80 -22.05 4.32
N ALA A 273 -5.42 -23.08 4.87
CA ALA A 273 -6.49 -23.80 4.13
C ALA A 273 -7.63 -22.84 3.78
N LYS A 274 -8.04 -21.99 4.71
N LYS A 274 -8.03 -21.99 4.73
CA LYS A 274 -9.13 -21.04 4.46
CA LYS A 274 -9.11 -21.01 4.52
C LYS A 274 -8.68 -20.07 3.38
C LYS A 274 -8.69 -20.06 3.41
N LEU A 275 -7.43 -19.63 3.44
CA LEU A 275 -6.93 -18.66 2.44
C LEU A 275 -6.95 -19.27 1.06
N MET A 276 -6.46 -20.48 0.94
CA MET A 276 -6.35 -21.09 -0.40
C MET A 276 -7.78 -21.33 -0.92
N LYS A 277 -8.77 -21.72 -0.12
CA LYS A 277 -10.19 -21.83 -0.54
C LYS A 277 -10.67 -20.51 -1.15
N GLU A 278 -10.24 -19.37 -0.60
N GLU A 278 -10.24 -19.38 -0.59
CA GLU A 278 -10.73 -18.06 -1.04
CA GLU A 278 -10.68 -18.03 -0.99
C GLU A 278 -9.95 -17.55 -2.26
C GLU A 278 -10.02 -17.61 -2.31
N CYS A 279 -8.99 -18.33 -2.73
CA CYS A 279 -8.34 -18.11 -4.04
C CYS A 279 -8.94 -18.97 -5.13
N TRP A 280 -9.82 -19.92 -4.78
CA TRP A 280 -10.28 -21.01 -5.70
C TRP A 280 -11.75 -20.96 -6.03
N TYR A 281 -12.43 -19.89 -5.68
CA TYR A 281 -13.86 -19.75 -6.04
C TYR A 281 -14.00 -19.88 -7.56
N GLN A 282 -15.04 -20.58 -8.00
CA GLN A 282 -15.40 -20.63 -9.45
CA GLN A 282 -15.40 -20.65 -9.44
C GLN A 282 -15.63 -19.21 -9.98
N ASN A 283 -16.32 -18.37 -9.22
CA ASN A 283 -16.62 -17.00 -9.62
C ASN A 283 -15.34 -16.18 -9.39
N PRO A 284 -14.70 -15.70 -10.46
CA PRO A 284 -13.43 -15.00 -10.31
C PRO A 284 -13.52 -13.77 -9.41
N SER A 285 -14.63 -13.04 -9.46
N SER A 285 -14.68 -13.09 -9.46
CA SER A 285 -14.77 -11.80 -8.67
CA SER A 285 -14.91 -11.85 -8.70
C SER A 285 -14.92 -12.10 -7.17
C SER A 285 -14.96 -12.11 -7.19
N ALA A 286 -15.17 -13.36 -6.76
CA ALA A 286 -15.25 -13.74 -5.33
C ALA A 286 -13.86 -13.92 -4.73
N ARG A 287 -12.84 -14.10 -5.58
CA ARG A 287 -11.50 -14.43 -5.07
C ARG A 287 -10.90 -13.24 -4.33
N LEU A 288 -10.11 -13.53 -3.32
CA LEU A 288 -9.33 -12.53 -2.58
C LEU A 288 -8.41 -11.79 -3.54
N THR A 289 -8.03 -10.58 -3.19
CA THR A 289 -7.00 -9.80 -3.91
C THR A 289 -5.64 -10.11 -3.27
N ALA A 290 -4.55 -9.85 -4.00
CA ALA A 290 -3.20 -10.06 -3.45
C ALA A 290 -3.01 -9.23 -2.18
N LEU A 291 -3.54 -8.00 -2.16
CA LEU A 291 -3.38 -7.17 -0.94
C LEU A 291 -4.13 -7.79 0.25
N ARG A 292 -5.31 -8.35 0.02
CA ARG A 292 -6.05 -8.98 1.14
C ARG A 292 -5.31 -10.24 1.60
N ILE A 293 -4.75 -11.01 0.66
CA ILE A 293 -3.93 -12.18 1.02
C ILE A 293 -2.76 -11.74 1.91
N LYS A 294 -2.05 -10.67 1.52
CA LYS A 294 -0.93 -10.22 2.37
C LYS A 294 -1.41 -9.90 3.78
N LYS A 295 -2.50 -9.13 3.89
CA LYS A 295 -2.98 -8.74 5.22
C LYS A 295 -3.27 -10.00 6.04
N THR A 296 -3.99 -10.96 5.44
CA THR A 296 -4.33 -12.19 6.15
C THR A 296 -3.04 -12.88 6.61
N LEU A 297 -2.02 -12.97 5.76
CA LEU A 297 -0.80 -13.68 6.12
C LEU A 297 -0.06 -12.95 7.24
N THR A 298 -0.15 -11.63 7.31
CA THR A 298 0.54 -10.91 8.40
C THR A 298 -0.15 -11.17 9.74
N LYS A 299 -1.40 -11.59 9.74
CA LYS A 299 -2.16 -11.82 10.99
C LYS A 299 -2.09 -13.29 11.38
N ILE A 300 -1.47 -14.15 10.57
CA ILE A 300 -1.32 -15.60 10.91
C ILE A 300 -0.02 -15.77 11.67
N ASP A 301 -0.16 -16.32 12.87
CA ASP A 301 0.91 -16.55 13.89
C ASP A 301 1.32 -15.23 14.55
N ALA B 7 -9.76 46.39 -3.73
CA ALA B 7 -8.30 46.45 -3.36
C ALA B 7 -7.74 45.02 -3.34
N ARG B 8 -7.40 44.51 -4.52
CA ARG B 8 -7.04 43.08 -4.74
C ARG B 8 -5.52 42.86 -4.63
N ASP B 9 -4.69 43.91 -4.65
CA ASP B 9 -3.23 43.69 -4.76
C ASP B 9 -2.65 43.07 -3.49
N ILE B 10 -1.59 42.28 -3.66
CA ILE B 10 -0.89 41.61 -2.52
C ILE B 10 0.61 41.86 -2.68
N THR B 11 1.31 42.09 -1.58
CA THR B 11 2.78 42.17 -1.57
C THR B 11 3.34 40.94 -0.84
N LEU B 12 4.18 40.14 -1.51
CA LEU B 12 4.84 38.98 -0.88
C LEU B 12 6.07 39.45 -0.10
N LEU B 13 6.09 39.20 1.19
CA LEU B 13 7.12 39.77 2.11
C LEU B 13 8.18 38.75 2.49
N GLU B 14 7.83 37.51 2.84
CA GLU B 14 8.86 36.51 3.16
C GLU B 14 8.32 35.10 3.09
N CYS B 15 9.20 34.17 2.77
CA CYS B 15 8.85 32.75 2.67
C CYS B 15 8.80 32.17 4.06
N VAL B 16 7.69 31.55 4.46
CA VAL B 16 7.52 30.94 5.81
C VAL B 16 7.45 29.41 5.70
N GLY B 17 7.56 28.85 4.49
CA GLY B 17 7.38 27.41 4.33
C GLY B 17 7.73 27.00 2.93
N LYS B 18 8.42 25.88 2.76
CA LYS B 18 8.90 25.45 1.44
C LYS B 18 9.08 23.94 1.56
N GLY B 19 8.44 23.19 0.66
CA GLY B 19 8.59 21.74 0.55
C GLY B 19 8.52 21.31 -0.89
N ARG B 20 8.41 20.00 -1.11
CA ARG B 20 8.50 19.39 -2.46
C ARG B 20 7.41 19.98 -3.34
N TYR B 21 6.23 20.28 -2.77
CA TYR B 21 5.01 20.58 -3.54
C TYR B 21 4.51 22.02 -3.32
N GLY B 22 5.30 22.91 -2.74
CA GLY B 22 5.14 24.36 -2.98
C GLY B 22 5.72 25.19 -1.87
N GLU B 23 5.36 26.46 -1.84
CA GLU B 23 5.89 27.46 -0.88
C GLU B 23 4.73 28.21 -0.25
N VAL B 24 4.91 28.70 0.96
CA VAL B 24 3.95 29.64 1.58
C VAL B 24 4.68 30.93 1.92
N TRP B 25 4.08 32.04 1.57
CA TRP B 25 4.60 33.38 1.83
C TRP B 25 3.68 34.12 2.78
N ARG B 26 4.29 34.87 3.69
CA ARG B 26 3.57 35.93 4.38
C ARG B 26 3.48 37.09 3.41
N GLY B 27 2.30 37.58 3.14
CA GLY B 27 2.13 38.77 2.30
C GLY B 27 1.28 39.79 2.99
N SER B 28 1.20 40.99 2.39
CA SER B 28 0.34 42.09 2.84
C SER B 28 -0.82 42.32 1.86
N TRP B 29 -2.04 42.45 2.35
CA TRP B 29 -3.29 42.65 1.57
C TRP B 29 -4.24 43.52 2.38
N GLN B 30 -4.64 44.68 1.83
CA GLN B 30 -5.59 45.62 2.49
C GLN B 30 -5.14 45.85 3.93
N GLY B 31 -3.84 46.16 4.15
CA GLY B 31 -3.26 46.50 5.45
C GLY B 31 -2.88 45.31 6.34
N GLU B 32 -3.28 44.08 5.99
CA GLU B 32 -3.26 42.90 6.90
C GLU B 32 -2.28 41.85 6.36
N ASN B 33 -1.73 41.02 7.25
CA ASN B 33 -0.98 39.81 6.85
C ASN B 33 -1.98 38.83 6.24
N VAL B 34 -1.52 38.17 5.17
CA VAL B 34 -2.24 37.02 4.57
C VAL B 34 -1.16 36.00 4.28
N ALA B 35 -1.59 34.75 4.14
CA ALA B 35 -0.75 33.63 3.73
C ALA B 35 -1.03 33.34 2.27
N VAL B 36 0.02 33.22 1.50
CA VAL B 36 -0.09 32.95 0.05
C VAL B 36 0.65 31.68 -0.23
N LYS B 37 -0.05 30.61 -0.60
CA LYS B 37 0.58 29.35 -0.99
C LYS B 37 0.67 29.33 -2.52
N ILE B 38 1.85 29.07 -3.02
CA ILE B 38 2.13 28.91 -4.46
C ILE B 38 2.44 27.45 -4.66
N PHE B 39 1.58 26.73 -5.37
CA PHE B 39 1.71 25.27 -5.49
C PHE B 39 2.80 24.91 -6.49
N SER B 40 3.45 23.76 -6.28
CA SER B 40 4.30 23.18 -7.34
C SER B 40 3.38 22.68 -8.44
N SER B 41 3.83 22.73 -9.71
CA SER B 41 2.99 22.19 -10.81
C SER B 41 2.75 20.69 -10.64
N ARG B 42 3.61 20.03 -9.88
CA ARG B 42 3.50 18.58 -9.57
C ARG B 42 2.29 18.33 -8.67
N ASP B 43 1.71 19.38 -8.08
CA ASP B 43 0.61 19.20 -7.12
C ASP B 43 -0.64 20.01 -7.55
N GLU B 44 -0.80 20.16 -8.85
CA GLU B 44 -1.87 20.99 -9.40
C GLU B 44 -3.23 20.39 -9.00
N LYS B 45 -3.36 19.09 -8.77
CA LYS B 45 -4.67 18.51 -8.44
C LYS B 45 -5.04 18.86 -6.99
N SER B 46 -4.09 19.08 -6.11
CA SER B 46 -4.39 19.54 -4.76
C SER B 46 -4.94 20.95 -4.80
N TRP B 47 -4.36 21.83 -5.59
CA TRP B 47 -4.85 23.22 -5.74
C TRP B 47 -6.31 23.19 -6.17
N PHE B 48 -6.62 22.40 -7.17
CA PHE B 48 -7.99 22.39 -7.69
C PHE B 48 -8.96 21.85 -6.64
N ARG B 49 -8.55 20.82 -5.92
CA ARG B 49 -9.42 20.21 -4.90
C ARG B 49 -9.69 21.20 -3.77
N GLU B 50 -8.65 21.88 -3.31
CA GLU B 50 -8.82 22.86 -2.23
C GLU B 50 -9.76 23.94 -2.66
N THR B 51 -9.66 24.32 -3.93
CA THR B 51 -10.54 25.34 -4.52
C THR B 51 -12.00 24.84 -4.53
N GLU B 52 -12.22 23.61 -4.94
CA GLU B 52 -13.60 23.04 -4.89
C GLU B 52 -14.11 23.09 -3.45
N LEU B 53 -13.27 22.73 -2.47
CA LEU B 53 -13.74 22.65 -1.06
C LEU B 53 -14.09 24.04 -0.54
N TYR B 54 -13.25 25.04 -0.83
CA TYR B 54 -13.47 26.40 -0.30
C TYR B 54 -14.59 27.15 -1.01
N ASN B 55 -15.11 26.60 -2.11
CA ASN B 55 -16.33 27.15 -2.75
C ASN B 55 -17.51 27.06 -1.78
N THR B 56 -17.52 26.10 -0.85
CA THR B 56 -18.61 25.89 0.14
C THR B 56 -18.60 27.00 1.21
N VAL B 57 -19.50 27.99 1.14
CA VAL B 57 -19.59 29.09 2.16
C VAL B 57 -19.76 28.50 3.57
N MET B 58 -20.57 27.44 3.78
CA MET B 58 -20.74 26.84 5.15
C MET B 58 -19.55 26.00 5.63
N LEU B 59 -18.50 25.86 4.85
CA LEU B 59 -17.23 25.30 5.37
C LEU B 59 -16.66 26.22 6.45
N ARG B 60 -16.89 27.54 6.38
CA ARG B 60 -16.28 28.57 7.27
C ARG B 60 -16.54 28.17 8.72
N HIS B 61 -15.49 28.21 9.55
CA HIS B 61 -15.55 27.74 10.94
C HIS B 61 -14.31 28.26 11.66
N GLU B 62 -14.46 28.55 12.95
CA GLU B 62 -13.34 29.08 13.75
C GLU B 62 -12.13 28.15 13.69
N ASN B 63 -12.34 26.84 13.54
CA ASN B 63 -11.25 25.86 13.62
C ASN B 63 -10.91 25.29 12.22
N ILE B 64 -11.22 25.99 11.14
CA ILE B 64 -10.79 25.64 9.77
C ILE B 64 -10.12 26.88 9.20
N LEU B 65 -8.95 26.71 8.62
CA LEU B 65 -8.20 27.85 8.04
C LEU B 65 -9.08 28.63 7.06
N GLY B 66 -9.18 29.93 7.30
CA GLY B 66 -10.09 30.81 6.56
C GLY B 66 -9.54 31.19 5.20
N PHE B 67 -10.34 30.96 4.20
CA PHE B 67 -10.06 31.24 2.80
C PHE B 67 -10.32 32.70 2.42
N ILE B 68 -9.44 33.27 1.61
CA ILE B 68 -9.63 34.61 1.02
C ILE B 68 -9.82 34.47 -0.50
N ALA B 69 -8.91 33.79 -1.19
CA ALA B 69 -9.04 33.72 -2.66
C ALA B 69 -8.24 32.53 -3.17
N SER B 70 -8.58 32.08 -4.38
CA SER B 70 -7.81 31.07 -5.12
C SER B 70 -7.65 31.59 -6.54
N ASP B 71 -6.47 31.43 -7.09
CA ASP B 71 -6.23 31.87 -8.48
C ASP B 71 -5.41 30.84 -9.21
N MET B 72 -5.75 30.71 -10.49
CA MET B 72 -4.86 30.08 -11.48
C MET B 72 -4.54 31.13 -12.55
N THR B 73 -3.27 31.43 -12.74
CA THR B 73 -2.83 32.47 -13.68
C THR B 73 -1.91 31.85 -14.70
N SER B 74 -1.94 32.35 -15.93
CA SER B 74 -1.02 31.84 -16.95
C SER B 74 -0.75 32.84 -18.05
N ARG B 75 0.49 32.82 -18.50
CA ARG B 75 0.87 33.43 -19.78
C ARG B 75 1.78 32.48 -20.49
N HIS B 76 1.58 32.32 -21.79
CA HIS B 76 2.37 31.36 -22.56
C HIS B 76 2.27 29.97 -21.89
N SER B 77 3.36 29.27 -21.65
CA SER B 77 3.26 27.89 -21.14
C SER B 77 3.45 27.84 -19.62
N SER B 78 3.51 28.96 -18.95
CA SER B 78 3.78 29.05 -17.48
C SER B 78 2.44 29.25 -16.77
N THR B 79 2.16 28.37 -15.78
CA THR B 79 0.95 28.49 -14.94
C THR B 79 1.37 28.64 -13.49
N GLN B 80 0.73 29.55 -12.77
CA GLN B 80 0.89 29.70 -11.31
C GLN B 80 -0.44 29.37 -10.67
N LEU B 81 -0.33 28.72 -9.53
CA LEU B 81 -1.49 28.27 -8.73
C LEU B 81 -1.37 28.84 -7.32
N TRP B 82 -2.33 29.65 -6.95
CA TRP B 82 -2.29 30.47 -5.71
C TRP B 82 -3.46 30.13 -4.82
N LEU B 83 -3.19 29.99 -3.52
CA LEU B 83 -4.26 29.97 -2.50
C LEU B 83 -3.93 31.03 -1.47
N ILE B 84 -4.87 31.91 -1.17
CA ILE B 84 -4.66 33.02 -0.24
C ILE B 84 -5.59 32.80 0.96
N THR B 85 -5.02 32.77 2.17
CA THR B 85 -5.79 32.52 3.41
C THR B 85 -5.44 33.54 4.48
N HIS B 86 -6.13 33.43 5.60
CA HIS B 86 -5.69 34.08 6.84
C HIS B 86 -4.30 33.60 7.17
N TYR B 87 -3.56 34.47 7.87
CA TYR B 87 -2.17 34.21 8.31
C TYR B 87 -2.14 34.04 9.82
N HIS B 88 -1.47 33.01 10.28
CA HIS B 88 -1.34 32.70 11.72
C HIS B 88 0.12 32.78 12.10
N GLU B 89 0.52 33.92 12.72
CA GLU B 89 1.95 34.18 12.92
C GLU B 89 2.57 33.21 13.92
N MET B 90 1.79 32.50 14.75
CA MET B 90 2.34 31.48 15.66
C MET B 90 2.69 30.20 14.92
N GLY B 91 2.34 30.09 13.63
CA GLY B 91 2.78 28.95 12.86
C GLY B 91 1.97 27.69 13.15
N SER B 92 2.52 26.55 12.82
CA SER B 92 1.78 25.28 12.97
C SER B 92 1.94 24.71 14.38
N LEU B 93 1.04 23.79 14.73
CA LEU B 93 1.13 23.08 16.02
C LEU B 93 2.47 22.34 16.12
N TYR B 94 2.98 21.78 15.04
CA TYR B 94 4.28 21.11 15.00
C TYR B 94 5.37 22.08 15.43
N ASP B 95 5.34 23.30 14.91
CA ASP B 95 6.33 24.34 15.35
C ASP B 95 6.14 24.67 16.82
N TYR B 96 4.92 24.92 17.25
CA TYR B 96 4.56 25.44 18.59
C TYR B 96 5.01 24.44 19.65
N LEU B 97 4.69 23.16 19.45
CA LEU B 97 4.97 22.13 20.46
C LEU B 97 6.47 21.97 20.69
N GLN B 98 7.31 22.43 19.79
CA GLN B 98 8.78 22.30 20.00
C GLN B 98 9.24 23.43 20.91
N LEU B 99 8.44 24.45 21.13
CA LEU B 99 8.95 25.69 21.80
C LEU B 99 8.34 25.86 23.17
N THR B 100 7.28 25.13 23.51
CA THR B 100 6.57 25.37 24.78
C THR B 100 6.06 24.04 25.30
N THR B 101 5.91 24.03 26.60
CA THR B 101 5.10 23.02 27.31
C THR B 101 3.72 23.59 27.53
N LEU B 102 2.80 22.71 27.89
CA LEU B 102 1.39 23.08 28.10
C LEU B 102 0.92 22.80 29.52
N ASP B 103 0.00 23.61 30.00
CA ASP B 103 -0.77 23.24 31.19
C ASP B 103 -2.05 22.54 30.78
N THR B 104 -2.79 22.06 31.75
CA THR B 104 -4.01 21.28 31.49
C THR B 104 -4.98 22.09 30.63
N VAL B 105 -5.27 23.33 31.02
CA VAL B 105 -6.25 24.18 30.32
C VAL B 105 -5.82 24.36 28.86
N SER B 106 -4.55 24.64 28.61
N SER B 106 -4.53 24.61 28.61
CA SER B 106 -4.06 24.91 27.24
CA SER B 106 -3.98 24.94 27.27
C SER B 106 -4.10 23.60 26.43
C SER B 106 -3.84 23.68 26.41
N CYS B 107 -3.65 22.50 27.03
CA CYS B 107 -3.65 21.20 26.31
C CYS B 107 -5.08 20.90 25.86
N LEU B 108 -6.05 20.97 26.76
CA LEU B 108 -7.44 20.65 26.43
C LEU B 108 -8.02 21.67 25.43
N ARG B 109 -7.70 22.94 25.54
CA ARG B 109 -8.20 23.94 24.58
C ARG B 109 -7.70 23.60 23.18
N ILE B 110 -6.44 23.20 23.05
CA ILE B 110 -5.87 22.88 21.74
C ILE B 110 -6.61 21.65 21.19
N VAL B 111 -6.66 20.56 21.94
CA VAL B 111 -7.19 19.31 21.35
C VAL B 111 -8.70 19.41 21.14
N LEU B 112 -9.46 20.09 22.00
CA LEU B 112 -10.88 20.31 21.77
C LEU B 112 -11.06 21.15 20.51
N SER B 113 -10.23 22.15 20.27
CA SER B 113 -10.44 22.99 19.06
C SER B 113 -10.23 22.14 17.80
N ILE B 114 -9.28 21.23 17.83
CA ILE B 114 -9.02 20.40 16.65
C ILE B 114 -10.20 19.45 16.47
N ALA B 115 -10.69 18.89 17.56
CA ALA B 115 -11.86 17.99 17.47
C ALA B 115 -13.06 18.74 16.92
N SER B 116 -13.23 19.99 17.32
N SER B 116 -13.19 19.98 17.33
CA SER B 116 -14.38 20.80 16.85
CA SER B 116 -14.32 20.84 16.90
C SER B 116 -14.22 21.06 15.35
C SER B 116 -14.21 21.08 15.40
N GLY B 117 -13.02 21.39 14.88
CA GLY B 117 -12.82 21.56 13.44
C GLY B 117 -13.08 20.26 12.71
N LEU B 118 -12.61 19.17 13.26
CA LEU B 118 -12.76 17.89 12.55
C LEU B 118 -14.21 17.47 12.52
N ALA B 119 -14.93 17.62 13.60
CA ALA B 119 -16.37 17.27 13.63
C ALA B 119 -17.09 18.18 12.65
N HIS B 120 -16.75 19.45 12.56
CA HIS B 120 -17.34 20.37 11.56
C HIS B 120 -17.12 19.85 10.16
N LEU B 121 -15.90 19.41 9.85
CA LEU B 121 -15.64 18.81 8.51
C LEU B 121 -16.51 17.59 8.34
N HIS B 122 -16.50 16.67 9.29
CA HIS B 122 -17.12 15.34 9.07
C HIS B 122 -18.63 15.39 8.98
N ILE B 123 -19.27 16.36 9.61
CA ILE B 123 -20.76 16.40 9.72
C ILE B 123 -21.34 17.18 8.55
N GLU B 124 -22.28 16.52 7.83
CA GLU B 124 -23.03 17.15 6.71
C GLU B 124 -23.98 18.21 7.32
N ILE B 125 -24.16 19.32 6.64
CA ILE B 125 -25.22 20.33 6.97
C ILE B 125 -26.17 20.35 5.76
N PHE B 126 -27.46 20.06 6.01
N PHE B 126 -27.45 20.10 5.98
CA PHE B 126 -28.60 19.97 5.02
CA PHE B 126 -28.42 19.86 4.89
C PHE B 126 -28.84 21.33 4.35
C PHE B 126 -28.95 21.21 4.37
N GLY B 127 -29.13 21.28 3.04
CA GLY B 127 -29.60 22.45 2.28
C GLY B 127 -28.87 22.55 0.96
N GLN B 129 -27.56 25.45 0.38
CA GLN B 129 -26.62 26.37 1.07
C GLN B 129 -25.99 25.67 2.29
N GLY B 130 -25.74 24.36 2.21
CA GLY B 130 -25.21 23.58 3.34
C GLY B 130 -23.75 23.27 3.12
N LYS B 131 -23.34 22.09 3.57
N LYS B 131 -23.33 22.09 3.57
CA LYS B 131 -21.98 21.61 3.31
CA LYS B 131 -21.94 21.60 3.42
C LYS B 131 -22.07 20.10 3.28
C LYS B 131 -22.05 20.09 3.31
N PRO B 132 -21.34 19.47 2.35
CA PRO B 132 -21.26 18.02 2.35
C PRO B 132 -20.46 17.60 3.60
N ALA B 133 -20.58 16.32 3.97
CA ALA B 133 -19.63 15.68 4.91
C ALA B 133 -18.28 15.71 4.18
N ILE B 134 -17.20 15.96 4.93
CA ILE B 134 -15.83 16.10 4.36
C ILE B 134 -14.88 15.28 5.22
N ALA B 135 -14.07 14.46 4.59
CA ALA B 135 -12.92 13.79 5.25
C ALA B 135 -11.65 14.44 4.71
N HIS B 136 -10.73 14.75 5.62
CA HIS B 136 -9.51 15.53 5.33
C HIS B 136 -8.44 14.72 4.58
N ARG B 137 -8.06 13.60 5.17
CA ARG B 137 -7.12 12.58 4.60
C ARG B 137 -5.67 12.95 4.77
N ASP B 138 -5.34 14.10 5.34
CA ASP B 138 -3.92 14.39 5.63
C ASP B 138 -3.81 15.20 6.91
N LEU B 139 -4.47 14.76 7.97
CA LEU B 139 -4.38 15.45 9.26
C LEU B 139 -3.02 15.15 9.84
N LYS B 140 -2.34 16.20 10.34
CA LYS B 140 -1.03 16.06 11.02
C LYS B 140 -0.74 17.40 11.68
N SER B 141 0.25 17.43 12.58
CA SER B 141 0.48 18.66 13.35
C SER B 141 1.01 19.79 12.46
N LYS B 142 1.64 19.52 11.32
CA LYS B 142 2.03 20.62 10.39
C LYS B 142 0.83 21.22 9.66
N ASN B 143 -0.28 20.51 9.63
CA ASN B 143 -1.51 20.98 8.94
C ASN B 143 -2.51 21.56 9.93
N ILE B 144 -2.08 21.90 11.11
CA ILE B 144 -2.88 22.57 12.16
C ILE B 144 -2.15 23.84 12.55
N LEU B 145 -2.83 24.97 12.48
CA LEU B 145 -2.24 26.28 12.81
C LEU B 145 -2.71 26.72 14.19
N VAL B 146 -1.79 27.37 14.90
CA VAL B 146 -2.09 27.87 16.27
C VAL B 146 -2.50 29.33 16.19
N LYS B 147 -3.58 29.65 16.87
CA LYS B 147 -4.17 30.99 16.90
C LYS B 147 -3.89 31.63 18.27
N LYS B 148 -3.97 32.95 18.26
CA LYS B 148 -3.58 33.74 19.45
C LYS B 148 -4.60 33.56 20.56
N ASN B 149 -5.82 33.12 20.27
CA ASN B 149 -6.79 32.75 21.32
C ASN B 149 -6.56 31.36 21.94
N GLY B 150 -5.53 30.64 21.56
CA GLY B 150 -5.17 29.34 22.15
C GLY B 150 -5.83 28.17 21.47
N GLN B 151 -6.71 28.48 20.56
CA GLN B 151 -7.32 27.41 19.72
C GLN B 151 -6.51 27.26 18.43
N CYS B 152 -6.83 26.21 17.72
CA CYS B 152 -6.13 25.86 16.48
C CYS B 152 -7.12 25.84 15.33
N CYS B 153 -6.59 25.85 14.12
CA CYS B 153 -7.42 25.61 12.95
C CYS B 153 -6.76 24.63 12.00
N ILE B 154 -7.60 23.83 11.36
CA ILE B 154 -7.15 22.79 10.41
C ILE B 154 -6.97 23.37 9.02
N ALA B 155 -5.87 23.01 8.39
CA ALA B 155 -5.47 23.51 7.05
C ALA B 155 -5.26 22.35 6.09
N ASP B 156 -5.25 22.69 4.82
CA ASP B 156 -4.85 21.84 3.69
C ASP B 156 -5.94 20.84 3.36
N LEU B 157 -6.84 21.27 2.48
CA LEU B 157 -7.97 20.43 2.05
C LEU B 157 -7.73 19.85 0.67
N GLY B 158 -6.47 19.78 0.22
CA GLY B 158 -6.19 19.29 -1.14
C GLY B 158 -6.41 17.80 -1.35
N LEU B 159 -6.56 17.00 -0.29
CA LEU B 159 -6.80 15.55 -0.43
C LEU B 159 -8.21 15.23 0.02
N ALA B 160 -9.05 16.24 0.30
CA ALA B 160 -10.36 15.97 0.95
C ALA B 160 -11.30 15.16 0.03
N VAL B 161 -12.17 14.42 0.67
CA VAL B 161 -13.26 13.61 0.03
C VAL B 161 -14.57 14.22 0.53
N MET B 162 -15.54 14.33 -0.37
CA MET B 162 -16.86 14.91 0.02
C MET B 162 -17.95 13.86 -0.16
N HIS B 163 -18.93 13.92 0.71
CA HIS B 163 -20.07 12.97 0.62
C HIS B 163 -21.35 13.66 1.04
N SER B 164 -22.42 13.35 0.30
CA SER B 164 -23.78 13.79 0.71
C SER B 164 -24.66 12.57 0.92
N GLN B 165 -25.10 12.28 2.14
CA GLN B 165 -26.02 11.13 2.33
C GLN B 165 -27.40 11.51 1.74
N SER B 166 -27.77 12.79 1.73
N SER B 166 -27.69 12.81 1.71
CA SER B 166 -29.09 13.22 1.23
CA SER B 166 -28.97 13.41 1.29
C SER B 166 -29.24 12.84 -0.24
C SER B 166 -29.22 13.16 -0.21
N THR B 167 -28.18 13.01 -1.04
CA THR B 167 -28.25 12.77 -2.50
C THR B 167 -27.52 11.49 -2.89
N ASN B 168 -26.94 10.75 -1.92
CA ASN B 168 -26.19 9.50 -2.14
C ASN B 168 -25.06 9.75 -3.15
N GLN B 169 -24.25 10.75 -2.89
CA GLN B 169 -23.12 11.09 -3.79
C GLN B 169 -21.82 11.09 -2.98
N LEU B 170 -20.81 10.48 -3.57
CA LEU B 170 -19.44 10.44 -3.02
C LEU B 170 -18.50 11.03 -4.06
N ASP B 171 -17.71 12.01 -3.66
CA ASP B 171 -16.75 12.67 -4.56
C ASP B 171 -15.34 12.45 -4.00
N VAL B 172 -14.60 11.47 -4.50
CA VAL B 172 -13.25 11.14 -3.98
C VAL B 172 -12.18 11.94 -4.71
N GLY B 173 -12.53 12.59 -5.80
CA GLY B 173 -11.55 13.35 -6.61
C GLY B 173 -10.67 12.45 -7.41
N ASN B 174 -9.60 13.04 -7.94
CA ASN B 174 -8.70 12.50 -8.98
C ASN B 174 -7.22 12.56 -8.53
N ASN B 175 -6.96 12.90 -7.29
CA ASN B 175 -5.61 13.34 -6.87
C ASN B 175 -4.75 12.12 -6.59
N PRO B 176 -3.59 11.97 -7.26
CA PRO B 176 -2.66 10.86 -6.98
C PRO B 176 -1.90 11.01 -5.67
N ARG B 177 -1.98 12.21 -5.09
CA ARG B 177 -1.32 12.45 -3.78
C ARG B 177 -1.85 11.44 -2.77
N VAL B 178 -0.97 11.04 -1.84
CA VAL B 178 -1.39 10.25 -0.65
C VAL B 178 -1.01 11.00 0.61
N GLY B 179 -1.62 10.56 1.69
CA GLY B 179 -1.36 11.16 3.00
C GLY B 179 0.09 11.10 3.43
N THR B 180 0.41 11.91 4.42
CA THR B 180 1.75 11.89 5.05
C THR B 180 1.98 10.51 5.63
N LYS B 181 3.13 9.90 5.32
CA LYS B 181 3.29 8.45 5.60
C LYS B 181 3.22 8.15 7.09
N ARG B 182 3.81 9.01 7.90
CA ARG B 182 3.88 8.73 9.34
C ARG B 182 2.50 8.63 9.99
N TYR B 183 1.49 9.30 9.40
CA TYR B 183 0.13 9.39 10.00
C TYR B 183 -0.87 8.42 9.34
N MET B 184 -0.39 7.60 8.40
CA MET B 184 -1.32 6.72 7.64
C MET B 184 -1.85 5.60 8.54
N ALA B 185 -3.17 5.37 8.52
CA ALA B 185 -3.83 4.29 9.24
C ALA B 185 -3.42 2.92 8.68
N PRO B 186 -3.61 1.85 9.46
CA PRO B 186 -3.25 0.50 9.01
C PRO B 186 -3.88 0.14 7.65
N GLU B 187 -5.14 0.49 7.45
CA GLU B 187 -5.87 0.13 6.22
C GLU B 187 -5.40 0.97 5.05
N VAL B 188 -4.76 2.11 5.29
CA VAL B 188 -4.13 2.89 4.22
C VAL B 188 -2.80 2.18 3.87
N LEU B 189 -2.01 1.84 4.87
CA LEU B 189 -0.67 1.25 4.68
C LEU B 189 -0.79 -0.16 4.08
N ASP B 190 -1.83 -0.92 4.37
CA ASP B 190 -1.97 -2.28 3.80
C ASP B 190 -2.85 -2.19 2.55
N GLU B 191 -3.36 -1.00 2.23
CA GLU B 191 -4.12 -0.76 0.98
C GLU B 191 -5.40 -1.62 0.94
N THR B 192 -5.96 -2.03 2.06
CA THR B 192 -7.25 -2.73 2.08
C THR B 192 -8.43 -1.75 2.31
N ILE B 193 -8.16 -0.49 2.60
CA ILE B 193 -9.22 0.53 2.77
C ILE B 193 -10.26 0.43 1.66
N GLN B 194 -11.52 0.53 2.07
CA GLN B 194 -12.69 0.41 1.16
C GLN B 194 -12.88 1.78 0.50
N VAL B 195 -12.39 1.97 -0.70
CA VAL B 195 -12.27 3.32 -1.31
C VAL B 195 -13.63 3.89 -1.72
N ASP B 196 -14.67 3.07 -1.78
CA ASP B 196 -16.01 3.55 -2.22
C ASP B 196 -16.90 3.82 -1.02
N CYS B 197 -16.34 3.84 0.19
CA CYS B 197 -17.07 3.97 1.45
CA CYS B 197 -17.13 4.02 1.44
C CYS B 197 -16.65 5.28 2.15
N PHE B 198 -17.53 6.25 2.25
CA PHE B 198 -17.13 7.54 2.87
C PHE B 198 -16.67 7.31 4.29
N ASP B 199 -17.32 6.48 5.06
CA ASP B 199 -16.96 6.26 6.47
C ASP B 199 -15.51 5.82 6.55
N SER B 200 -14.99 5.10 5.57
CA SER B 200 -13.57 4.67 5.60
C SER B 200 -12.68 5.89 5.74
N TYR B 201 -12.95 6.96 5.02
CA TYR B 201 -12.05 8.14 5.05
C TYR B 201 -12.18 8.85 6.40
N LYS B 202 -13.39 8.94 6.97
CA LYS B 202 -13.54 9.57 8.32
C LYS B 202 -12.67 8.80 9.32
N ARG B 203 -12.63 7.47 9.20
CA ARG B 203 -11.96 6.60 10.16
C ARG B 203 -10.44 6.79 10.01
N VAL B 204 -9.94 7.09 8.82
CA VAL B 204 -8.52 7.44 8.60
C VAL B 204 -8.20 8.74 9.31
N ASP B 205 -9.09 9.71 9.24
CA ASP B 205 -8.90 10.99 9.98
C ASP B 205 -8.84 10.73 11.49
N ILE B 206 -9.67 9.83 12.01
CA ILE B 206 -9.68 9.57 13.44
C ILE B 206 -8.35 8.98 13.89
N TRP B 207 -7.81 8.03 13.14
CA TRP B 207 -6.48 7.47 13.43
C TRP B 207 -5.49 8.62 13.55
N ALA B 208 -5.44 9.47 12.53
CA ALA B 208 -4.43 10.55 12.50
C ALA B 208 -4.69 11.49 13.67
N PHE B 209 -5.94 11.80 13.98
CA PHE B 209 -6.21 12.69 15.13
CA PHE B 209 -6.28 12.65 15.14
C PHE B 209 -5.70 12.05 16.42
N GLY B 210 -5.82 10.74 16.59
CA GLY B 210 -5.23 10.13 17.79
C GLY B 210 -3.76 10.39 17.88
N LEU B 211 -3.05 10.29 16.77
CA LEU B 211 -1.61 10.59 16.74
C LEU B 211 -1.36 12.03 17.17
N VAL B 212 -2.12 12.99 16.65
CA VAL B 212 -1.95 14.41 17.00
C VAL B 212 -2.26 14.58 18.49
N LEU B 213 -3.27 13.90 19.02
N LEU B 213 -3.24 13.87 19.00
CA LEU B 213 -3.55 13.98 20.48
CA LEU B 213 -3.57 14.01 20.45
C LEU B 213 -2.30 13.55 21.25
C LEU B 213 -2.39 13.49 21.29
N TRP B 214 -1.69 12.45 20.85
CA TRP B 214 -0.48 11.91 21.52
C TRP B 214 0.64 12.96 21.43
N GLU B 215 0.82 13.61 20.28
CA GLU B 215 1.91 14.60 20.13
C GLU B 215 1.71 15.74 21.12
N VAL B 216 0.48 16.21 21.26
CA VAL B 216 0.13 17.34 22.16
C VAL B 216 0.29 16.90 23.62
N ALA B 217 -0.33 15.79 23.98
CA ALA B 217 -0.35 15.35 25.38
C ALA B 217 1.05 15.18 25.93
N ARG B 218 2.00 14.71 25.15
CA ARG B 218 3.41 14.58 25.58
C ARG B 218 3.94 15.90 26.13
N ARG B 219 3.46 17.04 25.61
CA ARG B 219 3.94 18.36 26.02
C ARG B 219 3.17 18.94 27.18
N MET B 220 2.16 18.28 27.71
CA MET B 220 1.43 18.76 28.90
C MET B 220 2.19 18.35 30.15
N VAL B 221 2.56 19.31 30.99
CA VAL B 221 3.32 18.98 32.24
C VAL B 221 2.36 18.33 33.25
N SER B 222 2.84 17.29 33.90
CA SER B 222 2.19 16.77 35.13
C SER B 222 3.29 16.39 36.13
N ASN B 223 3.08 16.82 37.38
CA ASN B 223 3.96 16.43 38.49
C ASN B 223 5.40 16.77 38.14
N GLY B 224 5.61 17.91 37.45
CA GLY B 224 6.97 18.38 37.09
C GLY B 224 7.65 17.57 36.00
N ILE B 225 6.90 16.75 35.25
CA ILE B 225 7.48 15.87 34.20
C ILE B 225 6.79 16.24 32.87
N VAL B 226 7.56 16.22 31.82
CA VAL B 226 7.01 16.42 30.45
C VAL B 226 7.89 15.59 29.53
N GLU B 227 7.37 15.15 28.37
CA GLU B 227 8.20 14.52 27.32
C GLU B 227 8.67 15.60 26.32
N ASP B 228 9.81 15.36 25.68
CA ASP B 228 10.25 16.17 24.55
C ASP B 228 9.25 15.98 23.39
N TYR B 229 9.14 17.00 22.57
CA TYR B 229 8.37 16.87 21.32
C TYR B 229 9.00 15.74 20.51
N LYS B 230 8.15 14.86 20.02
CA LYS B 230 8.55 13.85 19.00
C LYS B 230 7.36 13.62 18.08
N PRO B 231 7.62 13.32 16.81
CA PRO B 231 6.56 12.94 15.90
C PRO B 231 6.16 11.48 16.14
N PRO B 232 4.97 11.08 15.65
CA PRO B 232 4.52 9.71 15.79
C PRO B 232 5.53 8.72 15.20
N PHE B 233 5.79 7.68 15.94
CA PHE B 233 6.68 6.54 15.55
C PHE B 233 8.12 6.99 15.42
N TYR B 234 8.55 8.05 16.11
CA TYR B 234 9.93 8.60 16.02
C TYR B 234 10.94 7.50 16.34
N ASP B 235 10.61 6.59 17.22
CA ASP B 235 11.60 5.64 17.81
C ASP B 235 11.74 4.38 16.98
N VAL B 236 10.83 4.11 16.02
CA VAL B 236 10.72 2.75 15.44
C VAL B 236 10.91 2.74 13.93
N VAL B 237 11.01 3.89 13.29
CA VAL B 237 11.22 3.95 11.82
C VAL B 237 12.43 4.80 11.55
N PRO B 238 13.04 4.61 10.35
CA PRO B 238 14.09 5.49 9.90
C PRO B 238 13.65 6.94 9.81
N ASN B 239 14.62 7.85 9.84
CA ASN B 239 14.31 9.24 9.43
C ASN B 239 13.71 9.22 8.02
N ASP B 240 12.79 10.14 7.78
CA ASP B 240 12.16 10.30 6.46
C ASP B 240 11.57 8.96 6.03
N PRO B 241 10.70 8.36 6.86
CA PRO B 241 10.23 7.01 6.61
C PRO B 241 9.45 6.87 5.31
N SER B 242 9.66 5.75 4.65
CA SER B 242 8.91 5.36 3.45
C SER B 242 7.54 4.78 3.83
N PHE B 243 6.71 4.63 2.81
CA PHE B 243 5.45 3.89 2.92
C PHE B 243 5.70 2.52 3.53
N GLU B 244 6.66 1.77 2.98
CA GLU B 244 6.91 0.41 3.48
C GLU B 244 7.49 0.43 4.90
N ASP B 245 8.26 1.45 5.27
CA ASP B 245 8.77 1.56 6.66
C ASP B 245 7.58 1.62 7.62
N MET B 246 6.62 2.49 7.25
CA MET B 246 5.44 2.66 8.10
C MET B 246 4.56 1.41 8.11
N ARG B 247 4.36 0.79 6.96
CA ARG B 247 3.59 -0.46 6.90
C ARG B 247 4.21 -1.50 7.82
N LYS B 248 5.55 -1.57 7.86
CA LYS B 248 6.21 -2.55 8.75
C LYS B 248 5.76 -2.33 10.19
N VAL B 249 5.90 -1.12 10.69
CA VAL B 249 5.71 -0.92 12.13
C VAL B 249 4.21 -0.97 12.47
N VAL B 250 3.37 -0.37 11.62
CA VAL B 250 1.92 -0.27 11.95
C VAL B 250 1.20 -1.58 11.66
N CYS B 251 1.45 -2.18 10.50
CA CYS B 251 0.66 -3.35 10.05
C CYS B 251 1.35 -4.66 10.48
N VAL B 252 2.66 -4.79 10.26
CA VAL B 252 3.36 -6.07 10.57
C VAL B 252 3.62 -6.14 12.07
N ASP B 253 4.21 -5.11 12.67
CA ASP B 253 4.65 -5.09 14.09
C ASP B 253 3.49 -4.69 15.00
N GLN B 254 2.36 -4.22 14.46
CA GLN B 254 1.18 -3.76 15.23
C GLN B 254 1.57 -2.71 16.27
N GLN B 255 2.52 -1.84 15.96
CA GLN B 255 3.01 -0.79 16.89
C GLN B 255 1.95 0.31 17.00
N ARG B 256 1.85 0.85 18.22
CA ARG B 256 1.10 2.09 18.49
C ARG B 256 2.01 2.96 19.30
N PRO B 257 1.79 4.28 19.33
CA PRO B 257 2.60 5.11 20.19
C PRO B 257 2.49 4.67 21.67
N ASN B 258 3.65 4.72 22.32
CA ASN B 258 3.74 4.33 23.74
C ASN B 258 3.10 5.44 24.59
N ILE B 259 2.39 5.01 25.62
CA ILE B 259 1.83 5.92 26.65
C ILE B 259 2.87 6.03 27.75
N PRO B 260 3.49 7.18 27.98
CA PRO B 260 4.43 7.32 29.09
C PRO B 260 3.68 6.98 30.40
N ASN B 261 4.35 6.20 31.26
CA ASN B 261 3.68 5.77 32.52
C ASN B 261 3.38 6.97 33.44
N ARG B 262 4.12 8.07 33.34
CA ARG B 262 3.81 9.26 34.19
C ARG B 262 2.40 9.78 33.91
N TRP B 263 1.82 9.54 32.73
CA TRP B 263 0.46 10.01 32.42
C TRP B 263 -0.58 9.44 33.40
N PHE B 264 -0.35 8.23 33.90
CA PHE B 264 -1.37 7.50 34.68
C PHE B 264 -1.51 8.12 36.07
N SER B 265 -0.58 9.02 36.48
CA SER B 265 -0.70 9.78 37.74
C SER B 265 -1.63 10.97 37.60
N ASP B 266 -1.93 11.43 36.38
CA ASP B 266 -2.72 12.65 36.14
C ASP B 266 -4.08 12.30 35.52
N PRO B 267 -5.22 12.80 36.04
CA PRO B 267 -6.52 12.38 35.54
C PRO B 267 -6.73 12.81 34.09
N THR B 268 -6.25 13.97 33.72
CA THR B 268 -6.46 14.53 32.36
C THR B 268 -5.71 13.64 31.37
N LEU B 269 -4.45 13.37 31.63
CA LEU B 269 -3.67 12.55 30.72
C LEU B 269 -4.15 11.11 30.71
N THR B 270 -4.63 10.59 31.83
CA THR B 270 -5.23 9.23 31.84
C THR B 270 -6.43 9.22 30.90
N SER B 271 -7.28 10.23 30.96
CA SER B 271 -8.47 10.35 30.06
C SER B 271 -8.01 10.48 28.62
N LEU B 272 -6.98 11.28 28.34
CA LEU B 272 -6.49 11.45 26.97
C LEU B 272 -5.89 10.14 26.44
N ALA B 273 -5.15 9.40 27.25
CA ALA B 273 -4.58 8.11 26.82
C ALA B 273 -5.73 7.19 26.41
N LYS B 274 -6.82 7.15 27.16
CA LYS B 274 -7.96 6.27 26.84
C LYS B 274 -8.53 6.73 25.50
N LEU B 275 -8.68 8.02 25.28
CA LEU B 275 -9.27 8.54 24.04
C LEU B 275 -8.37 8.19 22.88
N MET B 276 -7.06 8.38 22.97
CA MET B 276 -6.21 8.17 21.80
C MET B 276 -6.20 6.66 21.48
N LYS B 277 -6.24 5.78 22.49
CA LYS B 277 -6.30 4.34 22.19
C LYS B 277 -7.58 3.98 21.45
N GLU B 278 -8.68 4.68 21.68
CA GLU B 278 -9.97 4.41 20.99
C GLU B 278 -9.98 5.02 19.58
N CYS B 279 -8.93 5.75 19.20
CA CYS B 279 -8.68 6.20 17.81
C CYS B 279 -7.82 5.19 17.04
N TRP B 280 -7.21 4.24 17.70
CA TRP B 280 -6.13 3.40 17.15
C TRP B 280 -6.52 1.93 16.99
N TYR B 281 -7.79 1.59 17.16
CA TYR B 281 -8.19 0.19 16.91
C TYR B 281 -7.81 -0.18 15.49
N GLN B 282 -7.31 -1.40 15.30
CA GLN B 282 -7.07 -1.96 13.95
C GLN B 282 -8.39 -2.00 13.17
N ASN B 283 -9.46 -2.39 13.81
CA ASN B 283 -10.81 -2.40 13.20
C ASN B 283 -11.28 -0.96 13.02
N PRO B 284 -11.32 -0.42 11.78
CA PRO B 284 -11.67 1.01 11.64
C PRO B 284 -13.03 1.34 12.26
N SER B 285 -14.01 0.43 12.14
CA SER B 285 -15.39 0.66 12.63
C SER B 285 -15.48 0.71 14.17
N ALA B 286 -14.43 0.28 14.88
CA ALA B 286 -14.35 0.33 16.36
C ALA B 286 -13.99 1.74 16.83
N ARG B 287 -13.38 2.52 15.95
CA ARG B 287 -12.80 3.83 16.35
C ARG B 287 -13.93 4.80 16.72
N LEU B 288 -13.63 5.74 17.63
CA LEU B 288 -14.57 6.82 17.99
C LEU B 288 -14.86 7.70 16.78
N THR B 289 -15.99 8.36 16.81
CA THR B 289 -16.33 9.42 15.84
C THR B 289 -15.76 10.75 16.32
N ALA B 290 -15.60 11.69 15.39
CA ALA B 290 -15.12 13.04 15.71
C ALA B 290 -16.09 13.69 16.71
N LEU B 291 -17.39 13.50 16.50
CA LEU B 291 -18.38 14.11 17.44
C LEU B 291 -18.19 13.52 18.84
N ARG B 292 -18.01 12.24 18.97
CA ARG B 292 -17.85 11.60 20.28
C ARG B 292 -16.57 12.12 20.91
N ILE B 293 -15.48 12.26 20.14
CA ILE B 293 -14.24 12.83 20.71
C ILE B 293 -14.52 14.23 21.23
N LYS B 294 -15.17 15.06 20.44
CA LYS B 294 -15.45 16.46 20.85
C LYS B 294 -16.25 16.41 22.16
N LYS B 295 -17.28 15.54 22.24
CA LYS B 295 -18.12 15.51 23.45
C LYS B 295 -17.30 15.07 24.65
N THR B 296 -16.45 14.06 24.47
CA THR B 296 -15.58 13.54 25.56
C THR B 296 -14.63 14.64 26.03
N LEU B 297 -14.02 15.36 25.11
CA LEU B 297 -13.04 16.43 25.49
C LEU B 297 -13.77 17.60 26.17
N THR B 298 -15.02 17.84 25.82
CA THR B 298 -15.83 18.92 26.42
C THR B 298 -16.04 18.59 27.89
N LYS B 299 -16.19 17.31 28.22
CA LYS B 299 -16.43 16.84 29.62
C LYS B 299 -15.14 16.69 30.44
N ILE B 300 -13.97 16.44 29.83
CA ILE B 300 -12.66 16.21 30.51
C ILE B 300 -12.19 17.57 31.04
N ASP B 301 -11.59 17.59 32.24
CA ASP B 301 -10.89 18.79 32.79
C ASP B 301 -9.56 18.33 33.40
C10 LU8 C . 18.12 -20.22 -11.20
C13 LU8 C . 17.93 -23.97 -10.44
C15 LU8 C . 19.43 -25.62 -9.53
C17 LU8 C . 21.22 -27.42 -9.90
C20 LU8 C . 20.11 -27.06 -7.64
C21 LU8 C . 20.09 -25.62 -8.15
C22 LU8 C . 20.14 -23.17 -9.89
C24 LU8 C . 17.29 -19.84 -12.25
C26 LU8 C . 14.83 -18.41 -13.66
C01 LU8 C . 17.47 -15.32 -16.53
C03 LU8 C . 15.71 -16.63 -15.47
C04 LU8 C . 16.57 -17.05 -14.45
C05 LU8 C . 16.14 -17.95 -13.53
C06 LU8 C . 17.01 -18.46 -12.43
C07 LU8 C . 17.61 -17.51 -11.64
C09 LU8 C . 18.64 -19.19 -10.41
C11 LU8 C . 18.50 -21.65 -10.80
C12 LU8 C . 17.54 -22.66 -10.85
C14 LU8 C . 19.19 -24.18 -9.98
C16 LU8 C . 20.20 -26.46 -10.54
C19 LU8 C . 20.49 -29.31 -8.51
C23 LU8 C . 19.80 -21.83 -10.34
C25 LU8 C . 16.71 -20.86 -13.21
C27 LU8 C . 13.95 -17.96 -14.61
C29 LU8 C . 12.12 -19.36 -13.85
C30 LU8 C . 14.42 -17.10 -15.57
C32 LU8 C . 13.03 -15.44 -16.45
N08 LU8 C . 18.42 -17.87 -10.60
N18 LU8 C . 20.96 -27.89 -8.51
O02 LU8 C . 16.09 -15.71 -16.45
O28 LU8 C . 12.64 -18.34 -14.75
O31 LU8 C . 13.58 -16.69 -16.57
C1 EDO D . 15.43 -9.08 -6.48
O1 EDO D . 16.63 -8.38 -6.05
C2 EDO D . 15.70 -10.53 -6.52
O2 EDO D . 16.39 -10.97 -7.68
C1 EDO E . -8.89 -33.39 -5.72
O1 EDO E . -8.54 -34.77 -5.55
C2 EDO E . -8.13 -32.70 -6.78
O2 EDO E . -6.65 -32.80 -6.73
C1 EDO F . -20.18 -30.59 -20.38
O1 EDO F . -20.15 -31.85 -19.74
C2 EDO F . -18.81 -30.07 -20.60
O2 EDO F . -17.90 -31.14 -20.81
C1 EDO G . 0.75 -35.71 -12.62
O1 EDO G . -0.47 -35.04 -12.43
C2 EDO G . 1.16 -36.78 -11.70
O2 EDO G . 0.23 -37.83 -11.45
S DMS H . 23.10 -5.45 -7.11
O DMS H . 23.37 -4.80 -8.45
C1 DMS H . 23.99 -4.55 -5.87
C2 DMS H . 21.44 -5.01 -6.64
C10 LU8 I . 27.83 -0.06 -18.48
C13 LU8 I . 25.83 2.88 -17.46
C15 LU8 I . 25.88 5.31 -17.91
C17 LU8 I . 26.22 7.48 -16.78
C20 LU8 I . 24.96 7.42 -18.85
C21 LU8 I . 25.53 6.03 -19.18
C22 LU8 I . 27.57 3.64 -18.88
C24 LU8 I . 27.02 -1.06 -19.00
C26 LU8 I . 26.59 -3.25 -21.21
C01 LU8 I . 25.91 -7.12 -18.07
C03 LU8 I . 26.24 -5.76 -20.09
C04 LU8 I . 26.75 -4.79 -19.27
C05 LU8 I . 26.91 -3.51 -19.83
C06 LU8 I . 27.55 -2.33 -19.15
C07 LU8 I . 28.93 -2.54 -18.88
C09 LU8 I . 29.15 -0.35 -18.17
C11 LU8 I . 27.36 1.29 -18.29
C12 LU8 I . 26.24 1.60 -17.57
C14 LU8 I . 26.45 3.94 -18.12
C16 LU8 I . 26.87 6.14 -17.13
C19 LU8 I . 25.32 9.55 -17.75
C23 LU8 I . 28.01 2.33 -18.96
C25 LU8 I . 25.57 -0.88 -19.29
C27 LU8 I . 26.05 -4.27 -21.99
C29 LU8 I . 25.71 -2.80 -23.85
C30 LU8 I . 25.89 -5.52 -21.42
C32 LU8 I . 24.04 -6.91 -21.91
N08 LU8 I . 29.70 -1.56 -18.36
N18 LU8 I . 25.90 8.22 -18.04
O02 LU8 I . 26.02 -7.01 -19.54
O28 LU8 I . 25.69 -4.13 -23.29
O31 LU8 I . 25.40 -6.55 -22.18
C10 LU8 J . 27.01 2.28 -14.14
C13 LU8 J . 26.39 5.90 -13.26
C15 LU8 J . 24.46 7.39 -13.33
C17 LU8 J . 23.99 9.19 -11.59
C20 LU8 J . 22.70 9.14 -13.69
C21 LU8 J . 23.02 7.62 -13.74
C22 LU8 J . 24.29 4.97 -14.07
C24 LU8 J . 26.53 0.98 -13.80
C26 LU8 J . 25.62 -2.07 -14.48
C01 LU8 J . 27.96 -3.59 -10.40
C03 LU8 J . 26.55 -3.41 -12.26
C04 LU8 J . 27.12 -2.19 -12.63
C05 LU8 J . 26.69 -1.49 -13.73
C06 LU8 J . 27.25 -0.14 -14.10
C07 LU8 J . 28.48 -0.01 -14.78
C09 LU8 J . 28.23 2.29 -14.78
C11 LU8 J . 26.32 3.57 -13.92
C12 LU8 J . 27.05 4.71 -13.45
C14 LU8 J . 25.02 6.06 -13.57
C16 LU8 J . 24.51 7.77 -11.86
C19 LU8 J . 24.82 10.46 -13.50
C23 LU8 J . 24.95 3.75 -14.24
C25 LU8 J . 25.23 0.89 -13.02
C27 LU8 J . 25.11 -3.26 -14.13
C29 LU8 J . 23.56 -3.27 -16.03
C30 LU8 J . 25.50 -3.94 -13.01
C32 LU8 J . 25.31 -6.33 -13.11
N08 LU8 J . 28.93 1.24 -15.06
N18 LU8 J . 23.61 9.93 -12.82
O02 LU8 J . 26.89 -4.16 -11.18
O28 LU8 J . 24.05 -3.85 -14.80
O31 LU8 J . 24.91 -5.08 -12.58
C2 HV2 K . 13.33 -21.76 -18.09
C2 HV2 K . 14.01 -22.18 -18.87
C3 HV2 K . 14.65 -22.10 -19.06
C3 HV2 K . 14.21 -21.84 -20.47
C7 HV2 K . 12.64 -23.21 -18.53
C7 HV2 K . 12.53 -22.88 -19.23
O1 HV2 K . 13.66 -21.70 -16.74
O1 HV2 K . 14.97 -23.11 -18.50
S4 HV2 K . 13.86 -23.46 -19.66
S4 HV2 K . 12.71 -22.52 -20.87
O5 HV2 K . 14.61 -24.67 -19.34
O5 HV2 K . 12.78 -23.78 -21.61
O6 HV2 K . 13.36 -23.20 -21.01
O6 HV2 K . 11.82 -21.44 -21.39
C2 HV2 L . 13.30 -25.40 7.99
C2 HV2 L . 14.78 -23.05 6.32
C3 HV2 L . 14.60 -25.05 7.01
C3 HV2 L . 14.52 -23.93 7.70
C7 HV2 L . 12.45 -24.14 7.31
C7 HV2 L . 13.36 -23.60 5.68
O1 HV2 L . 12.73 -26.65 7.71
O1 HV2 L . 14.73 -21.67 6.53
S4 HV2 L . 13.80 -23.71 6.41
S4 HV2 L . 13.28 -24.75 6.89
O5 HV2 L . 14.39 -22.49 6.95
O5 HV2 L . 13.76 -25.94 6.23
O6 HV2 L . 13.53 -23.87 4.98
O6 HV2 L . 12.06 -24.57 7.62
C2 HV2 M . -13.87 -9.38 -2.85
C2 HV2 M . -10.79 -8.67 -2.14
C3 HV2 M . -12.73 -8.41 -3.59
C3 HV2 M . -12.41 -8.44 -1.90
C7 HV2 M . -12.65 -10.31 -2.19
C7 HV2 M . -11.17 -9.38 -3.58
O1 HV2 M . -14.65 -10.08 -3.78
O1 HV2 M . -10.23 -9.54 -1.23
S4 HV2 M . -11.51 -9.25 -2.80
S4 HV2 M . -12.58 -9.81 -2.86
O5 HV2 M . -10.95 -8.43 -1.72
O5 HV2 M . -13.72 -9.66 -3.76
O6 HV2 M . -10.65 -9.93 -3.77
O6 HV2 M . -12.51 -10.96 -1.95
S SO4 N . 20.40 -14.68 -2.97
O1 SO4 N . 20.01 -13.46 -3.57
O2 SO4 N . 20.18 -14.58 -1.54
O3 SO4 N . 19.64 -15.76 -3.52
O4 SO4 N . 21.81 -14.93 -3.22
S SO4 O . -6.29 -37.25 4.74
O1 SO4 O . -7.21 -36.30 5.27
O2 SO4 O . -5.42 -37.57 5.87
O3 SO4 O . -5.53 -36.77 3.65
O4 SO4 O . -6.97 -38.52 4.45
S SO4 P . 3.12 -30.70 -16.19
O1 SO4 P . 2.18 -29.80 -15.53
O2 SO4 P . 2.80 -32.08 -15.82
O3 SO4 P . 4.48 -30.37 -15.73
O4 SO4 P . 3.02 -30.51 -17.60
C1 EDO Q . 8.69 -0.12 -9.06
O1 EDO Q . 9.00 -1.49 -9.14
C2 EDO Q . 8.14 0.50 -10.25
O2 EDO Q . 9.03 1.53 -10.63
C1 EDO R . 28.03 6.56 -22.17
O1 EDO R . 28.89 5.98 -21.22
C2 EDO R . 28.34 7.98 -22.42
O2 EDO R . 29.74 8.23 -22.33
C1 EDO S . -3.46 -34.40 15.19
O1 EDO S . -3.18 -34.00 16.55
C2 EDO S . -2.67 -33.71 14.11
O2 EDO S . -1.78 -34.48 13.36
C1 EDO T . 9.60 -27.36 -20.53
O1 EDO T . 9.87 -28.08 -21.73
C2 EDO T . 8.51 -26.41 -20.71
O2 EDO T . 8.97 -25.14 -21.18
C1 EDO U . -0.05 -39.22 -1.72
O1 EDO U . -1.38 -39.22 -2.22
C2 EDO U . 0.54 -37.86 -1.43
O2 EDO U . -0.18 -37.07 -0.47
C10 LU8 V . 1.70 29.73 8.41
C13 LU8 V . 4.97 30.79 10.03
C15 LU8 V . 6.90 29.67 11.02
C17 LU8 V . 8.49 28.14 12.25
C20 LU8 V . 9.37 29.68 10.49
C21 LU8 V . 7.94 29.56 9.93
C22 LU8 V . 4.90 28.39 10.06
C24 LU8 V . 1.29 28.87 7.39
C26 LU8 V . -0.54 26.74 6.04
C01 LU8 V . -2.13 29.66 2.23
C03 LU8 V . -1.59 27.77 3.69
C04 LU8 V . -1.11 28.63 4.67
C05 LU8 V . -0.56 28.14 5.83
C06 LU8 V . -0.03 29.08 6.89
C07 LU8 V . -0.85 30.03 7.41
C09 LU8 V . 0.81 30.69 8.88
C11 LU8 V . 3.07 29.67 9.07
C12 LU8 V . 3.72 30.86 9.38
C14 LU8 V . 5.56 29.58 10.33
C16 LU8 V . 7.04 28.62 12.11
C19 LU8 V . 10.89 28.43 11.92
C23 LU8 V . 3.66 28.44 9.42
C25 LU8 V . 2.27 27.86 6.79
C27 LU8 V . -1.05 25.87 5.06
C29 LU8 V . -0.44 23.95 6.33
C30 LU8 V . -1.54 26.39 3.90
C32 LU8 V . -3.40 25.39 2.87
N08 LU8 V . -0.44 30.89 8.41
N18 LU8 V . 9.52 29.06 11.78
O02 LU8 V . -2.14 28.25 2.48
O28 LU8 V . -1.07 24.52 5.17
O31 LU8 V . -2.00 25.55 2.90
S SO4 W . -4.49 34.82 14.86
O1 SO4 W . -3.77 36.03 14.60
O2 SO4 W . -4.99 34.82 16.20
O3 SO4 W . -5.60 34.70 13.95
O4 SO4 W . -3.60 33.71 14.64
C1 EDO X . 5.90 2.27 19.60
O1 EDO X . 7.26 2.10 20.15
C2 EDO X . 5.81 3.20 18.45
O2 EDO X . 6.42 4.50 18.62
S DMS Y . -24.53 11.77 24.72
O DMS Y . -23.18 12.46 24.85
C1 DMS Y . -24.85 11.54 22.99
C2 DMS Y . -24.29 10.07 25.17
C2 HV2 Z . 1.92 2.64 -3.39
C3 HV2 Z . 2.09 4.29 -3.65
C7 HV2 Z . 2.24 2.95 -1.80
O1 HV2 Z . 0.63 2.10 -3.63
S4 HV2 Z . 1.82 4.58 -2.01
O5 HV2 Z . 2.81 5.47 -1.42
O6 HV2 Z . 0.39 4.68 -1.75
C2 HV2 AA . 2.75 23.43 2.88
C2 HV2 AA . 3.19 22.58 3.03
C3 HV2 AA . 3.26 24.44 1.66
C3 HV2 AA . 2.85 24.19 2.92
C7 HV2 AA . 4.22 22.66 2.86
C7 HV2 AA . 4.65 22.80 2.26
O1 HV2 AA . 2.52 24.11 4.08
O1 HV2 AA . 2.28 21.80 2.28
S4 HV2 AA . 4.65 23.52 1.48
S4 HV2 AA . 4.13 24.36 1.85
O5 HV2 AA . 4.54 22.67 0.29
O5 HV2 AA . 3.72 24.33 0.46
O6 HV2 AA . 5.84 24.34 1.73
O6 HV2 AA . 5.09 25.31 2.37
C2 HV2 BA . -20.36 6.46 0.84
C3 HV2 BA . -21.84 6.01 0.27
C7 HV2 BA . -20.13 7.34 -0.51
O1 HV2 BA . -19.47 5.40 0.85
S4 HV2 BA . -21.62 6.90 -1.14
O5 HV2 BA . -21.42 6.02 -2.27
O6 HV2 BA . -22.51 8.04 -1.40
C2 HV2 CA . -14.76 20.11 -13.18
C2 HV2 CA . -14.92 20.23 -13.00
C3 HV2 CA . -16.00 20.81 -14.06
C3 HV2 CA . -15.62 19.22 -11.87
C7 HV2 CA . -15.88 19.37 -12.19
C7 HV2 CA . -16.34 21.05 -13.13
O1 HV2 CA . -13.99 21.06 -12.51
O1 HV2 CA . -14.67 19.57 -14.21
S4 HV2 CA . -17.12 20.21 -12.94
S4 HV2 CA . -17.08 19.70 -12.55
O5 HV2 CA . -18.04 19.28 -13.59
O5 HV2 CA . -18.01 20.21 -11.52
O6 HV2 CA . -17.60 21.30 -12.09
O6 HV2 CA . -17.42 18.94 -13.76
C2 HV2 DA . -17.57 20.60 -6.79
C3 HV2 DA . -17.19 22.07 -7.48
C7 HV2 DA . -19.19 20.90 -7.01
O1 HV2 DA . -17.19 20.55 -5.46
S4 HV2 DA . -18.76 22.16 -8.03
O5 HV2 DA . -18.71 21.72 -9.41
O6 HV2 DA . -19.39 23.40 -7.58
C2 HV2 EA . 5.15 -1.42 21.50
C3 HV2 EA . 3.71 -1.96 22.15
C7 HV2 EA . 4.27 -0.70 20.30
O1 HV2 EA . 5.81 -0.48 22.27
S4 HV2 EA . 2.93 -0.78 21.22
O5 HV2 EA . 1.91 -1.27 20.31
O6 HV2 EA . 2.70 0.35 22.15
C2 HV2 FA . 12.06 19.70 20.39
C3 HV2 FA . 13.10 20.05 21.67
C7 HV2 FA . 11.24 20.93 21.11
O1 HV2 FA . 12.50 19.90 19.04
S4 HV2 FA . 11.72 20.39 22.61
O5 HV2 FA . 11.80 21.53 23.56
O6 HV2 FA . 11.02 19.20 22.99
C2 HV2 GA . 0.25 28.75 27.11
C2 HV2 GA . 0.39 28.33 26.51
C3 HV2 GA . 0.02 28.61 28.76
C3 HV2 GA . 0.15 28.58 28.15
C7 HV2 GA . 1.40 27.56 27.18
C7 HV2 GA . 1.72 27.43 26.90
O1 HV2 GA . -0.88 28.37 26.39
O1 HV2 GA . -0.51 27.49 25.86
S4 HV2 GA . 1.09 27.31 28.80
S4 HV2 GA . 1.00 27.15 28.37
O5 HV2 GA . 2.26 27.65 29.61
O5 HV2 GA . 2.11 27.14 29.36
O6 HV2 GA . 0.35 26.06 29.00
O6 HV2 GA . 0.09 26.10 28.38
C2 HV2 HA . -3.35 19.85 37.27
C2 HV2 HA . -2.80 19.44 36.97
C3 HV2 HA . -2.27 19.13 36.22
C3 HV2 HA . -1.53 18.86 36.02
C7 HV2 HA . -2.26 19.67 38.51
C7 HV2 HA . -1.86 19.34 38.32
O1 HV2 HA . -4.51 19.09 37.46
O1 HV2 HA . -3.21 20.76 36.72
S4 HV2 HA . -1.11 19.11 37.43
S4 HV2 HA . -0.49 19.12 37.33
O5 HV2 HA . -0.73 17.73 37.75
O5 HV2 HA . 0.30 17.94 37.85
O6 HV2 HA . -0.10 20.14 37.17
O6 HV2 HA . 0.24 20.36 37.12
C1 EDO IA . -9.81 30.14 11.26
O1 EDO IA . -11.22 30.17 10.74
C2 EDO IA . -8.96 31.26 10.74
O2 EDO IA . -8.06 31.07 9.80
C1 EDO JA . -8.67 -3.92 16.65
O1 EDO JA . -10.00 -3.43 16.77
C2 EDO JA . -8.04 -4.37 17.94
O2 EDO JA . -7.07 -3.45 18.41
C1 EDO KA . 11.25 17.27 15.60
O1 EDO KA . 11.86 18.33 14.91
C2 EDO KA . 11.21 16.04 14.78
O2 EDO KA . 10.05 15.94 13.97
C1 EDO LA . 12.37 12.39 14.84
O1 EDO LA . 11.74 11.39 14.06
C2 EDO LA . 13.71 12.00 15.29
O2 EDO LA . 13.76 11.47 16.61
C1 EDO MA . 8.31 22.07 33.39
O1 EDO MA . 7.73 21.62 34.60
C2 EDO MA . 9.08 20.98 32.76
O2 EDO MA . 9.22 19.86 33.61
#